data_9E97
#
_entry.id   9E97
#
_cell.length_a   94.208
_cell.length_b   166.022
_cell.length_c   93.978
_cell.angle_alpha   90.00
_cell.angle_beta   90.00
_cell.angle_gamma   90.00
#
_symmetry.space_group_name_H-M   'C 2 2 21'
#
loop_
_entity.id
_entity.type
_entity.pdbx_description
1 polymer 'L-allo-threonine aldolase'
2 non-polymer '{5-hydroxy-6-methyl-4-[(E)-{[(pyridin-2-yl)methyl]imino}methyl]pyridin-3-yl}methyl dihydrogen phosphate'
3 non-polymer 'TETRAETHYLENE GLYCOL'
4 non-polymer 'PENTAETHYLENE GLYCOL'
5 non-polymer DI(HYDROXYETHYL)ETHER
6 non-polymer 'CALCIUM ION'
7 water water
#
_entity_poly.entity_id   1
_entity_poly.type   'polypeptide(L)'
_entity_poly.pdbx_seq_one_letter_code
;MIDLRSDTVTKPTEEMRKAMAQAEVGDDVYGEDPTINELERLAAETFGKEAALFVPSGTMGNQVSIMAHTQRGDEVILEA
DSHIFWAEVGAMAVLSGVMPHPVPGKNGAMDPDDVRKAIRDGNIHFPRTSLIAIENTHNRSGGRVVPLENIKEICTIAKE
HGINVHIDGARIFNASIASGVPVKEYAGYADSVMFCLSKGLCAPVGSVVVGDRDFIERARKARKMLGGGMRQAGVLAAAG
IIALTKMVDRLKEDHENARFLALKLKEIGYSVNPEDVKTNMVILRTDNLKVNAHGFIEALRNSGVLAEAVSDTEIRLVTH
KDVSRNDIEEALNIFEKLFSQVQHHHHHH
;
_entity_poly.pdbx_strand_id   A,B
#
# COMPACT_ATOMS: atom_id res chain seq x y z
N MET A 1 32.34 -19.28 -10.37
CA MET A 1 31.37 -18.60 -9.52
C MET A 1 30.38 -19.58 -8.91
N ILE A 2 30.16 -19.47 -7.60
CA ILE A 2 29.12 -20.21 -6.91
C ILE A 2 27.94 -19.27 -6.75
N ASP A 3 26.82 -19.59 -7.39
CA ASP A 3 25.72 -18.64 -7.54
C ASP A 3 24.64 -18.95 -6.50
N LEU A 4 24.63 -18.15 -5.43
CA LEU A 4 23.61 -18.27 -4.39
C LEU A 4 22.63 -17.11 -4.43
N ARG A 5 22.54 -16.42 -5.59
CA ARG A 5 21.65 -15.26 -5.68
C ARG A 5 20.19 -15.68 -5.65
N SER A 6 19.85 -16.77 -6.30
CA SER A 6 18.45 -17.08 -6.56
C SER A 6 18.39 -18.51 -7.06
N ASP A 7 17.22 -19.12 -6.92
CA ASP A 7 16.97 -20.41 -7.56
C ASP A 7 16.42 -20.27 -8.98
N THR A 8 16.22 -19.04 -9.47
CA THR A 8 15.85 -18.83 -10.87
C THR A 8 16.98 -19.17 -11.83
N VAL A 9 18.24 -19.18 -11.35
CA VAL A 9 19.39 -19.40 -12.21
C VAL A 9 19.59 -20.85 -12.60
N THR A 10 18.75 -21.76 -12.10
CA THR A 10 18.83 -23.17 -12.48
C THR A 10 18.77 -23.32 -14.00
N LYS A 11 19.62 -24.20 -14.52
CA LYS A 11 19.67 -24.49 -15.94
C LYS A 11 18.96 -25.80 -16.24
N PRO A 12 18.47 -25.99 -17.46
CA PRO A 12 17.66 -27.17 -17.76
C PRO A 12 18.48 -28.46 -17.69
N THR A 13 17.85 -29.51 -17.18
CA THR A 13 18.51 -30.82 -17.14
C THR A 13 18.65 -31.38 -18.55
N GLU A 14 19.50 -32.40 -18.66
CA GLU A 14 19.65 -33.07 -19.94
C GLU A 14 18.32 -33.65 -20.43
N GLU A 15 17.53 -34.21 -19.52
CA GLU A 15 16.21 -34.72 -19.91
C GLU A 15 15.33 -33.60 -20.45
N MET A 16 15.40 -32.42 -19.83
CA MET A 16 14.62 -31.28 -20.34
C MET A 16 15.08 -30.84 -21.73
N ARG A 17 16.39 -30.79 -21.96
CA ARG A 17 16.90 -30.38 -23.26
C ARG A 17 16.42 -31.33 -24.35
N LYS A 18 16.48 -32.64 -24.08
CA LYS A 18 15.94 -33.61 -25.04
C LYS A 18 14.46 -33.38 -25.30
N ALA A 19 13.68 -33.18 -24.23
CA ALA A 19 12.23 -33.05 -24.36
C ALA A 19 11.86 -31.80 -25.14
N MET A 20 12.62 -30.72 -24.95
CA MET A 20 12.36 -29.51 -25.73
C MET A 20 12.61 -29.74 -27.21
N ALA A 21 13.73 -30.40 -27.55
CA ALA A 21 14.02 -30.68 -28.94
C ALA A 21 12.95 -31.57 -29.57
N GLN A 22 12.38 -32.48 -28.81
CA GLN A 22 11.44 -33.45 -29.36
C GLN A 22 9.98 -33.05 -29.14
N ALA A 23 9.73 -31.84 -28.64
CA ALA A 23 8.39 -31.49 -28.20
C ALA A 23 7.38 -31.52 -29.35
N GLU A 24 6.21 -32.09 -29.06
CA GLU A 24 5.06 -31.99 -29.96
C GLU A 24 4.36 -30.66 -29.70
N VAL A 25 4.25 -29.83 -30.73
CA VAL A 25 3.80 -28.47 -30.56
C VAL A 25 2.61 -28.17 -31.46
N GLY A 26 1.94 -27.06 -31.14
CA GLY A 26 0.88 -26.54 -31.97
C GLY A 26 0.69 -25.09 -31.56
N ASP A 27 -0.30 -24.44 -32.15
CA ASP A 27 -0.53 -23.01 -31.92
C ASP A 27 -1.40 -22.84 -30.68
N ASP A 28 -0.78 -22.40 -29.57
CA ASP A 28 -1.51 -22.27 -28.31
C ASP A 28 -2.64 -21.24 -28.38
N VAL A 29 -2.58 -20.27 -29.30
CA VAL A 29 -3.67 -19.32 -29.37
C VAL A 29 -4.96 -20.03 -29.77
N TYR A 30 -4.85 -21.10 -30.56
CA TYR A 30 -6.01 -21.92 -30.91
C TYR A 30 -6.22 -23.08 -29.93
N GLY A 31 -5.47 -23.11 -28.83
CA GLY A 31 -5.57 -24.23 -27.91
C GLY A 31 -5.05 -25.54 -28.46
N GLU A 32 -4.17 -25.49 -29.46
CA GLU A 32 -3.77 -26.66 -30.23
C GLU A 32 -2.37 -27.17 -29.91
N ASP A 33 -1.69 -26.64 -28.89
CA ASP A 33 -0.39 -27.21 -28.53
C ASP A 33 -0.61 -28.36 -27.56
N PRO A 34 -0.33 -29.60 -27.96
CA PRO A 34 -0.67 -30.74 -27.08
C PRO A 34 0.19 -30.83 -25.84
N THR A 35 1.41 -30.29 -25.89
CA THR A 35 2.28 -30.37 -24.71
C THR A 35 1.89 -29.31 -23.68
N ILE A 36 1.56 -28.09 -24.13
CA ILE A 36 0.94 -27.11 -23.24
C ILE A 36 -0.33 -27.71 -22.62
N ASN A 37 -1.18 -28.30 -23.45
CA ASN A 37 -2.43 -28.83 -22.94
C ASN A 37 -2.21 -29.89 -21.89
N GLU A 38 -1.20 -30.76 -22.10
CA GLU A 38 -0.91 -31.80 -21.11
C GLU A 38 -0.32 -31.19 -19.84
N LEU A 39 0.55 -30.19 -19.97
CA LEU A 39 1.08 -29.53 -18.77
C LEU A 39 -0.05 -28.92 -17.94
N GLU A 40 -0.99 -28.24 -18.61
CA GLU A 40 -2.10 -27.63 -17.89
C GLU A 40 -2.98 -28.70 -17.25
N ARG A 41 -3.24 -29.81 -17.95
CA ARG A 41 -4.03 -30.89 -17.34
C ARG A 41 -3.32 -31.44 -16.11
N LEU A 42 -2.02 -31.74 -16.22
CA LEU A 42 -1.27 -32.26 -15.08
C LEU A 42 -1.25 -31.27 -13.92
N ALA A 43 -1.08 -29.99 -14.21
CA ALA A 43 -1.05 -28.98 -13.15
C ALA A 43 -2.39 -28.90 -12.42
N ALA A 44 -3.49 -28.86 -13.18
CA ALA A 44 -4.80 -28.83 -12.54
C ALA A 44 -5.04 -30.07 -11.69
N GLU A 45 -4.67 -31.24 -12.22
CA GLU A 45 -4.81 -32.47 -11.47
C GLU A 45 -3.99 -32.45 -10.19
N THR A 46 -2.73 -31.99 -10.30
CA THR A 46 -1.83 -31.97 -9.14
C THR A 46 -2.36 -31.08 -8.03
N PHE A 47 -3.01 -29.96 -8.39
CA PHE A 47 -3.49 -29.00 -7.41
C PHE A 47 -4.96 -29.17 -7.06
N GLY A 48 -5.62 -30.20 -7.59
CA GLY A 48 -7.03 -30.40 -7.30
C GLY A 48 -7.95 -29.33 -7.85
N LYS A 49 -7.62 -28.73 -8.99
CA LYS A 49 -8.39 -27.63 -9.55
C LYS A 49 -8.97 -28.01 -10.90
N GLU A 50 -9.98 -27.25 -11.33
CA GLU A 50 -10.65 -27.56 -12.60
C GLU A 50 -9.77 -27.27 -13.81
N ALA A 51 -8.92 -26.23 -13.73
CA ALA A 51 -8.25 -25.74 -14.92
C ALA A 51 -6.92 -25.10 -14.56
N ALA A 52 -6.10 -24.87 -15.59
CA ALA A 52 -4.76 -24.33 -15.42
C ALA A 52 -4.34 -23.54 -16.65
N LEU A 53 -3.38 -22.65 -16.45
CA LEU A 53 -2.95 -21.69 -17.47
C LEU A 53 -1.45 -21.52 -17.39
N PHE A 54 -0.73 -21.91 -18.44
CA PHE A 54 0.71 -21.63 -18.51
C PHE A 54 0.97 -20.16 -18.78
N VAL A 55 1.95 -19.57 -18.09
CA VAL A 55 2.35 -18.19 -18.30
C VAL A 55 3.87 -18.09 -18.35
N PRO A 56 4.40 -17.05 -19.03
CA PRO A 56 5.87 -16.98 -19.20
C PRO A 56 6.64 -16.54 -17.97
N SER A 57 5.98 -16.09 -16.90
CA SER A 57 6.66 -15.68 -15.67
C SER A 57 5.70 -15.79 -14.49
N GLY A 58 6.29 -15.85 -13.29
CA GLY A 58 5.50 -15.79 -12.07
C GLY A 58 4.82 -14.44 -11.91
N THR A 59 5.52 -13.37 -12.28
CA THR A 59 4.91 -12.05 -12.30
C THR A 59 3.62 -12.05 -13.13
N MET A 60 3.69 -12.58 -14.36
CA MET A 60 2.45 -12.60 -15.16
C MET A 60 1.39 -13.47 -14.50
N GLY A 61 1.79 -14.61 -13.94
CA GLY A 61 0.81 -15.45 -13.25
C GLY A 61 0.08 -14.71 -12.13
N ASN A 62 0.83 -13.98 -11.30
CA ASN A 62 0.19 -13.19 -10.25
C ASN A 62 -0.70 -12.09 -10.84
N GLN A 63 -0.21 -11.41 -11.89
CA GLN A 63 -0.96 -10.25 -12.36
C GLN A 63 -2.21 -10.65 -13.12
N VAL A 64 -2.18 -11.76 -13.90
CA VAL A 64 -3.45 -12.17 -14.53
C VAL A 64 -4.42 -12.66 -13.48
N SER A 65 -3.92 -13.23 -12.37
CA SER A 65 -4.82 -13.66 -11.30
C SER A 65 -5.48 -12.46 -10.64
N ILE A 66 -4.69 -11.41 -10.36
CA ILE A 66 -5.27 -10.19 -9.82
C ILE A 66 -6.30 -9.60 -10.78
N MET A 67 -5.98 -9.54 -12.07
CA MET A 67 -6.93 -9.00 -13.05
CA MET A 67 -6.93 -8.98 -13.03
C MET A 67 -8.23 -9.79 -13.06
N ALA A 68 -8.12 -11.12 -13.02
CA ALA A 68 -9.30 -11.99 -13.11
C ALA A 68 -10.13 -12.00 -11.83
N HIS A 69 -9.54 -11.62 -10.70
CA HIS A 69 -10.25 -11.59 -9.42
C HIS A 69 -10.86 -10.23 -9.10
N THR A 70 -10.48 -9.16 -9.81
CA THR A 70 -10.80 -7.82 -9.33
C THR A 70 -11.46 -6.97 -10.41
N GLN A 71 -12.04 -5.87 -9.95
CA GLN A 71 -12.50 -4.78 -10.80
CA GLN A 71 -12.47 -4.79 -10.82
C GLN A 71 -11.74 -3.51 -10.43
N ARG A 72 -11.77 -2.52 -11.33
CA ARG A 72 -11.07 -1.27 -11.05
C ARG A 72 -11.55 -0.66 -9.73
N GLY A 73 -10.60 -0.16 -8.95
CA GLY A 73 -10.93 0.43 -7.67
C GLY A 73 -11.03 -0.55 -6.53
N ASP A 74 -10.76 -1.82 -6.76
CA ASP A 74 -10.73 -2.75 -5.64
C ASP A 74 -9.45 -2.58 -4.83
N GLU A 75 -9.42 -3.25 -3.67
CA GLU A 75 -8.24 -3.30 -2.84
C GLU A 75 -7.86 -4.76 -2.61
N VAL A 76 -6.56 -5.02 -2.56
CA VAL A 76 -5.97 -6.35 -2.40
C VAL A 76 -5.19 -6.37 -1.09
N ILE A 77 -5.61 -7.20 -0.14
CA ILE A 77 -4.85 -7.42 1.09
C ILE A 77 -3.70 -8.38 0.79
N LEU A 78 -2.49 -8.03 1.22
CA LEU A 78 -1.32 -8.86 0.98
CA LEU A 78 -1.31 -8.83 0.96
C LEU A 78 -0.27 -8.53 2.03
N GLU A 79 0.67 -9.45 2.20
CA GLU A 79 1.68 -9.26 3.23
C GLU A 79 2.65 -8.14 2.82
N ALA A 80 3.08 -7.34 3.80
CA ALA A 80 3.77 -6.08 3.48
C ALA A 80 5.12 -6.28 2.81
N ASP A 81 5.75 -7.45 2.95
CA ASP A 81 7.01 -7.77 2.28
C ASP A 81 6.84 -8.78 1.15
N SER A 82 5.62 -8.99 0.67
CA SER A 82 5.40 -9.99 -0.36
C SER A 82 5.83 -9.48 -1.73
N HIS A 83 6.12 -10.44 -2.62
CA HIS A 83 6.66 -10.14 -3.94
C HIS A 83 5.71 -9.26 -4.76
N ILE A 84 4.40 -9.52 -4.67
CA ILE A 84 3.46 -8.74 -5.47
C ILE A 84 3.58 -7.26 -5.17
N PHE A 85 3.83 -6.91 -3.90
CA PHE A 85 4.03 -5.50 -3.56
C PHE A 85 5.46 -5.03 -3.77
N TRP A 86 6.42 -5.87 -3.39
CA TRP A 86 7.83 -5.49 -3.35
C TRP A 86 8.43 -5.37 -4.74
N ALA A 87 8.10 -6.31 -5.65
CA ALA A 87 9.00 -6.55 -6.77
C ALA A 87 8.26 -6.89 -8.06
N GLU A 88 7.03 -6.42 -8.23
CA GLU A 88 6.29 -6.61 -9.47
C GLU A 88 5.93 -5.25 -10.09
N VAL A 89 6.84 -4.29 -9.96
CA VAL A 89 6.89 -3.07 -10.76
C VAL A 89 5.60 -2.24 -10.62
N GLY A 90 4.91 -2.37 -9.49
CA GLY A 90 3.65 -1.68 -9.34
C GLY A 90 2.56 -2.11 -10.31
N ALA A 91 2.68 -3.31 -10.88
CA ALA A 91 1.77 -3.75 -11.93
C ALA A 91 0.32 -3.76 -11.47
N MET A 92 0.08 -4.07 -10.20
CA MET A 92 -1.32 -4.19 -9.80
C MET A 92 -2.05 -2.87 -9.94
N ALA A 93 -1.34 -1.75 -9.74
CA ALA A 93 -1.99 -0.45 -9.91
C ALA A 93 -2.18 -0.11 -11.38
N VAL A 94 -1.19 -0.40 -12.23
CA VAL A 94 -1.27 -0.03 -13.64
C VAL A 94 -2.22 -0.94 -14.38
N LEU A 95 -2.06 -2.24 -14.22
CA LEU A 95 -2.82 -3.22 -14.99
CA LEU A 95 -2.83 -3.17 -15.03
C LEU A 95 -4.26 -3.35 -14.50
N SER A 96 -4.45 -3.42 -13.18
CA SER A 96 -5.75 -3.69 -12.63
C SER A 96 -6.42 -2.48 -11.98
N GLY A 97 -5.69 -1.40 -11.75
CA GLY A 97 -6.30 -0.27 -11.07
C GLY A 97 -6.73 -0.57 -9.66
N VAL A 98 -5.99 -1.41 -8.96
CA VAL A 98 -6.32 -1.78 -7.58
C VAL A 98 -5.25 -1.25 -6.65
N MET A 99 -5.64 -1.01 -5.39
CA MET A 99 -4.75 -0.59 -4.31
CA MET A 99 -4.67 -0.61 -4.38
C MET A 99 -4.23 -1.80 -3.54
N PRO A 100 -2.95 -1.87 -3.20
CA PRO A 100 -2.51 -2.84 -2.18
C PRO A 100 -2.89 -2.35 -0.80
N HIS A 101 -3.16 -3.30 0.09
CA HIS A 101 -3.32 -3.00 1.51
C HIS A 101 -2.29 -3.84 2.24
N PRO A 102 -1.07 -3.33 2.42
CA PRO A 102 0.01 -4.14 3.00
C PRO A 102 -0.24 -4.39 4.49
N VAL A 103 -0.16 -5.66 4.87
CA VAL A 103 -0.31 -6.09 6.26
C VAL A 103 0.99 -6.73 6.69
N PRO A 104 1.73 -6.13 7.62
CA PRO A 104 2.99 -6.76 8.07
C PRO A 104 2.68 -8.03 8.83
N GLY A 105 3.30 -9.13 8.40
CA GLY A 105 3.14 -10.41 9.03
C GLY A 105 4.35 -10.81 9.84
N LYS A 106 4.30 -12.03 10.35
CA LYS A 106 5.45 -12.68 10.98
C LYS A 106 5.84 -13.87 10.12
N ASN A 107 6.98 -13.78 9.44
CA ASN A 107 7.48 -14.86 8.59
C ASN A 107 6.46 -15.25 7.52
N GLY A 108 5.87 -14.24 6.89
CA GLY A 108 4.87 -14.45 5.85
C GLY A 108 3.46 -14.63 6.34
N ALA A 109 3.27 -14.89 7.63
CA ALA A 109 1.95 -15.18 8.15
C ALA A 109 1.33 -13.88 8.64
N MET A 110 0.33 -13.40 7.92
CA MET A 110 -0.48 -12.29 8.40
C MET A 110 -1.38 -12.78 9.52
N ASP A 111 -1.35 -12.07 10.65
CA ASP A 111 -2.29 -12.37 11.72
C ASP A 111 -3.70 -12.31 11.16
N PRO A 112 -4.47 -13.41 11.23
CA PRO A 112 -5.84 -13.36 10.71
C PRO A 112 -6.67 -12.21 11.27
N ASP A 113 -6.46 -11.81 12.52
CA ASP A 113 -7.17 -10.65 13.04
C ASP A 113 -6.79 -9.37 12.30
N ASP A 114 -5.52 -9.26 11.87
CA ASP A 114 -5.14 -8.08 11.09
C ASP A 114 -5.74 -8.12 9.69
N VAL A 115 -5.87 -9.32 9.11
CA VAL A 115 -6.58 -9.46 7.85
C VAL A 115 -8.02 -8.99 7.98
N ARG A 116 -8.70 -9.45 9.05
CA ARG A 116 -10.07 -8.99 9.29
CA ARG A 116 -10.07 -9.00 9.30
C ARG A 116 -10.15 -7.47 9.38
N LYS A 117 -9.22 -6.84 10.12
CA LYS A 117 -9.25 -5.39 10.29
C LYS A 117 -8.98 -4.66 8.99
N ALA A 118 -8.27 -5.29 8.05
CA ALA A 118 -7.93 -4.63 6.80
C ALA A 118 -9.06 -4.65 5.78
N ILE A 119 -10.09 -5.47 5.98
CA ILE A 119 -11.19 -5.53 5.03
C ILE A 119 -12.00 -4.24 5.13
N ARG A 120 -12.28 -3.64 3.98
CA ARG A 120 -13.01 -2.37 3.98
C ARG A 120 -14.50 -2.57 4.23
N ASP A 121 -15.06 -1.72 5.09
CA ASP A 121 -16.50 -1.61 5.17
C ASP A 121 -17.06 -1.09 3.85
N GLY A 122 -18.34 -1.42 3.63
N GLY A 122 -18.38 -1.22 3.67
CA GLY A 122 -19.10 -0.85 2.55
CA GLY A 122 -18.96 -0.81 2.40
C GLY A 122 -19.39 0.60 2.89
C GLY A 122 -19.25 0.67 2.16
N ASN A 123 -18.63 1.49 2.26
N ASN A 123 -18.47 1.58 2.75
CA ASN A 123 -18.75 2.91 2.50
CA ASN A 123 -18.73 3.01 2.63
C ASN A 123 -18.23 3.61 1.26
C ASN A 123 -18.29 3.56 1.27
N ILE A 124 -18.89 4.69 0.87
CA ILE A 124 -18.57 5.34 -0.41
C ILE A 124 -17.11 5.80 -0.47
N HIS A 125 -16.49 6.07 0.68
CA HIS A 125 -15.11 6.54 0.69
C HIS A 125 -14.10 5.45 0.40
N PHE A 126 -14.49 4.17 0.47
CA PHE A 126 -13.52 3.09 0.55
C PHE A 126 -13.51 2.25 -0.71
N PRO A 127 -12.34 1.78 -1.12
CA PRO A 127 -12.30 0.73 -2.15
C PRO A 127 -12.96 -0.55 -1.65
N ARG A 128 -13.29 -1.43 -2.60
CA ARG A 128 -13.90 -2.71 -2.27
C ARG A 128 -12.81 -3.76 -2.10
N THR A 129 -12.74 -4.40 -0.93
CA THR A 129 -11.77 -5.48 -0.72
C THR A 129 -12.27 -6.72 -1.46
N SER A 130 -11.56 -7.14 -2.51
CA SER A 130 -12.03 -8.29 -3.26
C SER A 130 -11.04 -9.44 -3.31
N LEU A 131 -9.84 -9.26 -2.79
CA LEU A 131 -8.80 -10.27 -2.92
C LEU A 131 -7.87 -10.19 -1.72
N ILE A 132 -7.51 -11.36 -1.20
CA ILE A 132 -6.44 -11.53 -0.23
C ILE A 132 -5.40 -12.44 -0.86
N ALA A 133 -4.14 -12.02 -0.86
CA ALA A 133 -3.03 -12.80 -1.41
C ALA A 133 -2.13 -13.26 -0.29
N ILE A 134 -1.72 -14.54 -0.35
CA ILE A 134 -0.81 -15.18 0.60
C ILE A 134 0.37 -15.76 -0.17
N GLU A 135 1.58 -15.57 0.32
CA GLU A 135 2.79 -16.04 -0.37
C GLU A 135 3.41 -17.19 0.42
N ASN A 136 3.58 -18.35 -0.22
CA ASN A 136 4.09 -19.53 0.47
C ASN A 136 4.90 -20.39 -0.49
N THR A 137 6.21 -20.57 -0.25
CA THR A 137 6.94 -19.95 0.85
C THR A 137 7.01 -18.44 0.74
N HIS A 138 7.38 -17.79 1.84
CA HIS A 138 7.54 -16.35 1.85
C HIS A 138 9.02 -16.02 1.61
N ASN A 139 9.27 -15.29 0.52
CA ASN A 139 10.64 -15.04 0.03
C ASN A 139 11.42 -14.12 0.98
N ARG A 140 10.94 -12.89 1.18
CA ARG A 140 11.73 -11.86 1.86
C ARG A 140 12.15 -12.27 3.27
N SER A 141 11.31 -13.01 3.99
CA SER A 141 11.64 -13.41 5.35
C SER A 141 12.62 -14.59 5.41
N GLY A 142 13.03 -15.13 4.27
CA GLY A 142 14.00 -16.21 4.27
C GLY A 142 13.44 -17.55 3.85
N GLY A 143 12.52 -17.56 2.90
CA GLY A 143 11.94 -18.83 2.49
C GLY A 143 11.17 -19.50 3.60
N ARG A 144 10.39 -18.73 4.35
CA ARG A 144 9.66 -19.26 5.49
CA ARG A 144 9.67 -19.27 5.49
C ARG A 144 8.36 -19.91 5.04
N VAL A 145 7.95 -20.93 5.79
CA VAL A 145 6.74 -21.69 5.48
C VAL A 145 5.57 -21.11 6.25
N VAL A 146 4.55 -20.68 5.52
CA VAL A 146 3.31 -20.20 6.15
C VAL A 146 2.52 -21.40 6.63
N PRO A 147 2.14 -21.44 7.92
CA PRO A 147 1.40 -22.61 8.42
C PRO A 147 0.07 -22.79 7.71
N LEU A 148 -0.28 -24.06 7.48
CA LEU A 148 -1.57 -24.34 6.85
C LEU A 148 -2.71 -23.73 7.64
N GLU A 149 -2.60 -23.74 8.97
CA GLU A 149 -3.65 -23.18 9.83
C GLU A 149 -3.86 -21.70 9.55
N ASN A 150 -2.79 -20.97 9.23
CA ASN A 150 -2.93 -19.56 8.86
C ASN A 150 -3.72 -19.41 7.57
N ILE A 151 -3.40 -20.23 6.57
CA ILE A 151 -4.10 -20.19 5.29
C ILE A 151 -5.56 -20.59 5.49
N LYS A 152 -5.80 -21.61 6.33
CA LYS A 152 -7.17 -22.05 6.60
C LYS A 152 -7.97 -20.95 7.28
N GLU A 153 -7.39 -20.26 8.27
CA GLU A 153 -8.15 -19.21 8.94
C GLU A 153 -8.41 -18.03 8.01
N ILE A 154 -7.44 -17.67 7.18
CA ILE A 154 -7.67 -16.58 6.24
C ILE A 154 -8.73 -16.98 5.21
N CYS A 155 -8.71 -18.23 4.75
CA CYS A 155 -9.77 -18.74 3.88
C CYS A 155 -11.14 -18.63 4.56
N THR A 156 -11.20 -18.97 5.85
CA THR A 156 -12.46 -18.86 6.59
C THR A 156 -12.98 -17.43 6.59
N ILE A 157 -12.10 -16.46 6.84
CA ILE A 157 -12.48 -15.04 6.79
C ILE A 157 -12.99 -14.68 5.40
N ALA A 158 -12.25 -15.10 4.36
CA ALA A 158 -12.65 -14.76 2.99
C ALA A 158 -14.03 -15.31 2.66
N LYS A 159 -14.33 -16.53 3.09
CA LYS A 159 -15.66 -17.10 2.82
C LYS A 159 -16.76 -16.34 3.54
N GLU A 160 -16.47 -15.80 4.72
CA GLU A 160 -17.48 -15.00 5.42
C GLU A 160 -17.84 -13.74 4.64
N HIS A 161 -16.90 -13.20 3.85
CA HIS A 161 -17.08 -11.93 3.16
C HIS A 161 -17.29 -12.06 1.65
N GLY A 162 -17.11 -13.25 1.08
CA GLY A 162 -17.13 -13.37 -0.36
C GLY A 162 -15.90 -12.86 -1.06
N ILE A 163 -14.77 -12.84 -0.38
CA ILE A 163 -13.50 -12.31 -0.89
C ILE A 163 -12.70 -13.46 -1.51
N ASN A 164 -12.09 -13.21 -2.67
CA ASN A 164 -11.25 -14.22 -3.30
C ASN A 164 -9.90 -14.35 -2.58
N VAL A 165 -9.32 -15.55 -2.66
CA VAL A 165 -7.99 -15.84 -2.09
C VAL A 165 -7.08 -16.33 -3.20
N HIS A 166 -5.91 -15.70 -3.31
CA HIS A 166 -4.86 -16.12 -4.24
C HIS A 166 -3.62 -16.50 -3.44
N ILE A 167 -3.05 -17.67 -3.71
CA ILE A 167 -1.76 -18.02 -3.16
C ILE A 167 -0.68 -17.77 -4.20
N ASP A 168 0.27 -16.89 -3.86
CA ASP A 168 1.51 -16.80 -4.61
C ASP A 168 2.35 -17.98 -4.13
N GLY A 169 2.24 -19.08 -4.88
CA GLY A 169 2.99 -20.29 -4.58
C GLY A 169 4.19 -20.47 -5.49
N ALA A 170 4.89 -19.38 -5.80
CA ALA A 170 6.14 -19.45 -6.55
C ALA A 170 6.97 -20.62 -6.07
N ARG A 171 7.08 -20.78 -4.74
CA ARG A 171 7.83 -21.86 -4.13
C ARG A 171 6.94 -22.76 -3.26
N ILE A 172 5.75 -23.10 -3.76
CA ILE A 172 4.80 -23.89 -2.96
C ILE A 172 5.27 -25.34 -2.82
N PHE A 173 6.04 -25.86 -3.78
CA PHE A 173 6.56 -27.21 -3.59
C PHE A 173 7.66 -27.24 -2.54
N ASN A 174 8.45 -26.18 -2.41
CA ASN A 174 9.37 -26.10 -1.27
C ASN A 174 8.62 -26.10 0.06
N ALA A 175 7.52 -25.34 0.14
CA ALA A 175 6.69 -25.36 1.33
C ALA A 175 6.19 -26.77 1.62
N SER A 176 5.68 -27.44 0.59
CA SER A 176 5.12 -28.79 0.73
C SER A 176 6.16 -29.79 1.20
N ILE A 177 7.37 -29.74 0.63
CA ILE A 177 8.43 -30.66 1.03
C ILE A 177 8.78 -30.44 2.50
N ALA A 178 8.85 -29.18 2.93
CA ALA A 178 9.23 -28.87 4.30
C ALA A 178 8.12 -29.22 5.30
N SER A 179 6.86 -29.03 4.91
CA SER A 179 5.76 -29.16 5.85
C SER A 179 5.07 -30.51 5.81
N GLY A 180 5.24 -31.26 4.72
CA GLY A 180 4.46 -32.45 4.47
C GLY A 180 3.03 -32.20 4.01
N VAL A 181 2.65 -30.94 3.82
CA VAL A 181 1.29 -30.63 3.33
C VAL A 181 1.28 -30.76 1.81
N PRO A 182 0.43 -31.59 1.24
CA PRO A 182 0.38 -31.71 -0.23
C PRO A 182 -0.12 -30.42 -0.83
N VAL A 183 0.37 -30.12 -2.04
CA VAL A 183 0.02 -28.81 -2.61
C VAL A 183 -1.47 -28.70 -2.85
N LYS A 184 -2.16 -29.81 -3.15
CA LYS A 184 -3.60 -29.66 -3.37
C LYS A 184 -4.34 -29.35 -2.07
N GLU A 185 -3.75 -29.63 -0.90
CA GLU A 185 -4.39 -29.21 0.35
C GLU A 185 -4.22 -27.71 0.60
N TYR A 186 -3.02 -27.16 0.37
CA TYR A 186 -2.90 -25.70 0.38
C TYR A 186 -3.90 -25.09 -0.59
N ALA A 187 -3.97 -25.67 -1.80
CA ALA A 187 -4.77 -25.08 -2.86
C ALA A 187 -6.27 -25.15 -2.58
N GLY A 188 -6.71 -26.11 -1.76
CA GLY A 188 -8.12 -26.20 -1.43
C GLY A 188 -8.64 -25.03 -0.63
N TYR A 189 -7.74 -24.25 -0.02
CA TYR A 189 -8.10 -23.06 0.73
C TYR A 189 -7.91 -21.78 -0.08
N ALA A 190 -7.75 -21.89 -1.39
CA ALA A 190 -7.56 -20.72 -2.25
C ALA A 190 -8.45 -20.83 -3.48
N ASP A 191 -8.77 -19.68 -4.06
CA ASP A 191 -9.45 -19.69 -5.36
C ASP A 191 -8.47 -19.90 -6.49
N SER A 192 -7.24 -19.42 -6.34
CA SER A 192 -6.21 -19.58 -7.36
C SER A 192 -4.86 -19.75 -6.69
N VAL A 193 -3.98 -20.47 -7.37
CA VAL A 193 -2.58 -20.59 -6.98
C VAL A 193 -1.73 -20.37 -8.22
N MET A 194 -0.71 -19.53 -8.10
CA MET A 194 0.36 -19.44 -9.08
C MET A 194 1.54 -20.22 -8.52
N PHE A 195 2.12 -21.12 -9.32
CA PHE A 195 3.37 -21.77 -8.94
C PHE A 195 4.35 -21.72 -10.10
N CYS A 196 5.64 -21.65 -9.76
CA CYS A 196 6.68 -21.49 -10.75
C CYS A 196 7.32 -22.82 -11.11
N LEU A 197 7.63 -22.96 -12.40
CA LEU A 197 8.42 -24.07 -12.91
C LEU A 197 9.90 -23.74 -13.04
N SER A 198 10.23 -22.44 -13.05
CA SER A 198 11.51 -21.92 -13.48
C SER A 198 12.44 -21.58 -12.31
N LYS A 199 12.07 -21.93 -11.08
CA LYS A 199 12.92 -21.73 -9.93
C LYS A 199 13.52 -23.07 -9.53
N GLY A 200 13.17 -23.58 -8.36
CA GLY A 200 13.77 -24.82 -7.88
C GLY A 200 13.47 -26.03 -8.74
N LEU A 201 12.37 -26.02 -9.49
CA LEU A 201 12.05 -27.16 -10.34
C LEU A 201 12.82 -27.18 -11.65
N CYS A 202 13.60 -26.14 -11.95
CA CYS A 202 14.63 -26.10 -12.99
C CYS A 202 14.16 -25.97 -14.44
N ALA A 203 12.89 -25.69 -14.70
CA ALA A 203 12.50 -25.36 -16.06
C ALA A 203 13.11 -24.01 -16.47
N PRO A 204 13.36 -23.80 -17.77
CA PRO A 204 13.99 -22.54 -18.19
C PRO A 204 13.03 -21.36 -18.18
N VAL A 205 11.73 -21.61 -18.35
CA VAL A 205 10.79 -20.50 -18.48
C VAL A 205 9.38 -20.83 -18.02
N GLY A 206 8.79 -19.96 -17.21
CA GLY A 206 7.40 -20.25 -16.93
C GLY A 206 6.95 -20.59 -15.53
N SER A 207 5.64 -20.41 -15.41
CA SER A 207 4.83 -20.68 -14.22
C SER A 207 3.44 -21.10 -14.69
N VAL A 208 2.62 -21.52 -13.73
CA VAL A 208 1.26 -21.98 -14.03
C VAL A 208 0.32 -21.39 -13.00
N VAL A 209 -0.87 -20.98 -13.46
CA VAL A 209 -1.96 -20.58 -12.58
C VAL A 209 -3.01 -21.69 -12.61
N VAL A 210 -3.50 -22.08 -11.44
CA VAL A 210 -4.56 -23.08 -11.31
C VAL A 210 -5.77 -22.47 -10.61
N GLY A 211 -6.95 -22.91 -11.01
CA GLY A 211 -8.17 -22.45 -10.36
C GLY A 211 -9.41 -22.99 -11.06
N ASP A 212 -10.56 -22.37 -10.78
CA ASP A 212 -11.81 -22.77 -11.40
C ASP A 212 -11.80 -22.44 -12.90
N ARG A 213 -12.64 -23.16 -13.66
CA ARG A 213 -12.70 -22.96 -15.12
C ARG A 213 -13.03 -21.52 -15.49
N ASP A 214 -14.05 -20.91 -14.87
CA ASP A 214 -14.42 -19.55 -15.26
C ASP A 214 -13.32 -18.56 -14.94
N PHE A 215 -12.67 -18.71 -13.78
CA PHE A 215 -11.56 -17.84 -13.43
C PHE A 215 -10.39 -18.00 -14.40
N ILE A 216 -10.06 -19.24 -14.75
CA ILE A 216 -8.95 -19.46 -15.68
C ILE A 216 -9.30 -18.89 -17.06
N GLU A 217 -10.57 -18.95 -17.47
CA GLU A 217 -10.93 -18.31 -18.74
C GLU A 217 -10.68 -16.82 -18.70
N ARG A 218 -11.05 -16.15 -17.60
CA ARG A 218 -10.75 -14.73 -17.46
C ARG A 218 -9.25 -14.49 -17.43
N ALA A 219 -8.52 -15.33 -16.70
CA ALA A 219 -7.07 -15.17 -16.62
C ALA A 219 -6.41 -15.38 -17.97
N ARG A 220 -6.97 -16.28 -18.80
CA ARG A 220 -6.42 -16.53 -20.13
C ARG A 220 -6.61 -15.31 -21.02
N LYS A 221 -7.74 -14.61 -20.88
CA LYS A 221 -7.93 -13.39 -21.68
C LYS A 221 -7.04 -12.27 -21.15
N ALA A 222 -6.87 -12.18 -19.83
CA ALA A 222 -5.88 -11.27 -19.28
C ALA A 222 -4.49 -11.57 -19.83
N ARG A 223 -4.13 -12.85 -19.92
CA ARG A 223 -2.83 -13.21 -20.48
C ARG A 223 -2.69 -12.72 -21.93
N LYS A 224 -3.77 -12.81 -22.72
CA LYS A 224 -3.71 -12.32 -24.09
C LYS A 224 -3.44 -10.82 -24.10
N MET A 225 -4.13 -10.08 -23.22
CA MET A 225 -3.96 -8.64 -23.14
C MET A 225 -2.54 -8.25 -22.74
N LEU A 226 -1.94 -9.00 -21.82
CA LEU A 226 -0.61 -8.63 -21.33
C LEU A 226 0.49 -9.06 -22.30
N GLY A 227 0.20 -9.93 -23.26
CA GLY A 227 1.20 -10.37 -24.19
C GLY A 227 1.76 -11.74 -23.92
N GLY A 228 1.11 -12.54 -23.08
CA GLY A 228 1.58 -13.88 -22.78
C GLY A 228 0.98 -14.98 -23.63
N GLY A 229 0.18 -14.64 -24.64
CA GLY A 229 -0.39 -15.61 -25.57
C GLY A 229 0.63 -15.99 -26.63
N MET A 230 1.34 -17.09 -26.39
CA MET A 230 2.41 -17.52 -27.28
C MET A 230 1.90 -18.52 -28.32
N ARG A 231 2.79 -18.93 -29.23
CA ARG A 231 2.40 -19.87 -30.28
C ARG A 231 2.79 -21.30 -29.89
N GLN A 232 3.91 -21.82 -30.40
CA GLN A 232 4.31 -23.20 -30.12
C GLN A 232 5.08 -23.30 -28.80
N ALA A 233 4.41 -22.87 -27.74
CA ALA A 233 5.01 -22.86 -26.41
C ALA A 233 5.15 -24.26 -25.82
N GLY A 234 4.74 -25.31 -26.56
CA GLY A 234 5.02 -26.65 -26.10
C GLY A 234 6.50 -26.96 -25.94
N VAL A 235 7.37 -26.22 -26.64
CA VAL A 235 8.79 -26.36 -26.40
CA VAL A 235 8.79 -26.39 -26.40
C VAL A 235 9.12 -26.09 -24.94
N LEU A 236 8.53 -25.02 -24.38
CA LEU A 236 8.71 -24.72 -22.96
C LEU A 236 7.95 -25.71 -22.07
N ALA A 237 6.72 -26.06 -22.46
CA ALA A 237 5.92 -26.93 -21.62
C ALA A 237 6.52 -28.31 -21.49
N ALA A 238 7.28 -28.76 -22.49
CA ALA A 238 7.96 -30.06 -22.42
C ALA A 238 8.89 -30.11 -21.22
N ALA A 239 9.71 -29.06 -21.05
CA ALA A 239 10.54 -28.97 -19.85
C ALA A 239 9.70 -28.79 -18.59
N GLY A 240 8.62 -28.02 -18.69
CA GLY A 240 7.76 -27.82 -17.55
C GLY A 240 7.12 -29.10 -17.02
N ILE A 241 6.79 -30.05 -17.92
CA ILE A 241 6.22 -31.32 -17.46
C ILE A 241 7.24 -32.09 -16.65
N ILE A 242 8.50 -32.11 -17.11
CA ILE A 242 9.57 -32.76 -16.37
C ILE A 242 9.81 -32.07 -15.03
N ALA A 243 9.77 -30.74 -15.03
CA ALA A 243 9.92 -30.00 -13.78
C ALA A 243 8.84 -30.39 -12.77
N LEU A 244 7.58 -30.39 -13.21
CA LEU A 244 6.46 -30.68 -12.31
C LEU A 244 6.46 -32.13 -11.84
N THR A 245 6.81 -33.07 -12.73
CA THR A 245 6.63 -34.48 -12.41
C THR A 245 7.89 -35.19 -11.90
N LYS A 246 9.09 -34.65 -12.14
CA LYS A 246 10.33 -35.33 -11.78
C LYS A 246 11.25 -34.55 -10.84
N MET A 247 11.04 -33.24 -10.65
CA MET A 247 12.02 -32.41 -9.95
C MET A 247 11.56 -31.96 -8.57
N VAL A 248 10.42 -32.45 -8.08
CA VAL A 248 9.91 -32.01 -6.78
C VAL A 248 10.66 -32.69 -5.65
N ASP A 249 10.85 -34.02 -5.73
CA ASP A 249 11.39 -34.75 -4.60
C ASP A 249 12.77 -34.22 -4.20
N ARG A 250 13.60 -33.91 -5.19
CA ARG A 250 14.98 -33.52 -4.91
C ARG A 250 15.09 -32.12 -4.31
N LEU A 251 13.99 -31.37 -4.20
CA LEU A 251 14.06 -30.12 -3.46
C LEU A 251 14.55 -30.34 -2.03
N LYS A 252 14.35 -31.54 -1.48
CA LYS A 252 14.88 -31.85 -0.15
C LYS A 252 16.39 -31.65 -0.09
N GLU A 253 17.09 -31.92 -1.19
CA GLU A 253 18.55 -31.70 -1.21
C GLU A 253 18.88 -30.23 -1.09
N ASP A 254 18.12 -29.36 -1.76
CA ASP A 254 18.34 -27.93 -1.61
C ASP A 254 18.12 -27.50 -0.17
N HIS A 255 17.11 -28.05 0.49
CA HIS A 255 16.84 -27.72 1.88
C HIS A 255 17.96 -28.20 2.78
N GLU A 256 18.47 -29.41 2.54
CA GLU A 256 19.58 -29.90 3.35
C GLU A 256 20.83 -29.05 3.15
N ASN A 257 21.10 -28.62 1.90
CA ASN A 257 22.26 -27.78 1.63
C ASN A 257 22.11 -26.41 2.26
N ALA A 258 20.90 -25.83 2.25
CA ALA A 258 20.72 -24.54 2.91
C ALA A 258 20.91 -24.65 4.42
N ARG A 259 20.38 -25.72 5.03
CA ARG A 259 20.57 -25.89 6.47
C ARG A 259 22.04 -26.11 6.81
N PHE A 260 22.75 -26.92 6.02
CA PHE A 260 24.18 -27.15 6.26
C PHE A 260 24.94 -25.85 6.11
N LEU A 261 24.65 -25.09 5.06
CA LEU A 261 25.26 -23.77 4.86
C LEU A 261 25.08 -22.90 6.10
N ALA A 262 23.84 -22.82 6.62
CA ALA A 262 23.56 -21.96 7.76
C ALA A 262 24.27 -22.44 9.01
N LEU A 263 24.24 -23.75 9.28
CA LEU A 263 24.92 -24.27 10.46
C LEU A 263 26.39 -23.92 10.45
N LYS A 264 27.04 -24.05 9.30
CA LYS A 264 28.47 -23.81 9.24
C LYS A 264 28.79 -22.32 9.22
N LEU A 265 27.92 -21.50 8.62
CA LEU A 265 28.10 -20.05 8.73
C LEU A 265 28.04 -19.59 10.19
N LYS A 266 27.11 -20.16 10.96
CA LYS A 266 27.04 -19.81 12.37
C LYS A 266 28.32 -20.23 13.11
N GLU A 267 28.81 -21.44 12.81
CA GLU A 267 30.06 -21.90 13.41
C GLU A 267 31.22 -20.96 13.11
N ILE A 268 31.27 -20.44 11.88
CA ILE A 268 32.35 -19.53 11.49
C ILE A 268 32.28 -18.25 12.33
N GLY A 269 31.07 -17.80 12.67
CA GLY A 269 30.90 -16.61 13.47
C GLY A 269 29.94 -15.60 12.85
N TYR A 270 29.32 -15.96 11.74
CA TYR A 270 28.39 -15.03 11.10
C TYR A 270 27.04 -15.00 11.81
N SER A 271 26.32 -13.91 11.62
CA SER A 271 25.01 -13.70 12.24
C SER A 271 23.96 -14.39 11.40
N VAL A 272 23.77 -15.68 11.66
CA VAL A 272 22.77 -16.50 10.98
CA VAL A 272 22.81 -16.53 10.97
C VAL A 272 22.07 -17.34 12.03
N ASN A 273 20.77 -17.59 11.81
CA ASN A 273 19.95 -18.40 12.70
C ASN A 273 19.57 -19.69 12.00
N PRO A 274 20.34 -20.77 12.16
CA PRO A 274 19.98 -22.02 11.44
C PRO A 274 18.60 -22.53 11.76
N GLU A 275 18.06 -22.22 12.95
CA GLU A 275 16.71 -22.64 13.29
C GLU A 275 15.65 -22.00 12.40
N ASP A 276 15.96 -20.87 11.76
CA ASP A 276 15.03 -20.20 10.86
C ASP A 276 15.00 -20.81 9.47
N VAL A 277 15.93 -21.71 9.16
CA VAL A 277 16.16 -22.17 7.79
C VAL A 277 15.34 -23.44 7.57
N LYS A 278 14.17 -23.30 6.95
CA LYS A 278 13.27 -24.43 6.70
C LYS A 278 13.19 -24.86 5.25
N THR A 279 13.54 -24.00 4.29
CA THR A 279 13.57 -24.42 2.89
C THR A 279 14.94 -24.09 2.29
N ASN A 280 15.00 -23.41 1.13
CA ASN A 280 16.25 -23.27 0.40
C ASN A 280 16.88 -21.87 0.54
N MET A 281 16.57 -21.14 1.61
CA MET A 281 17.09 -19.79 1.77
C MET A 281 17.69 -19.57 3.16
N VAL A 282 18.74 -18.75 3.19
CA VAL A 282 19.43 -18.36 4.43
C VAL A 282 19.56 -16.85 4.42
N ILE A 283 19.16 -16.19 5.52
CA ILE A 283 19.40 -14.76 5.70
C ILE A 283 20.62 -14.59 6.60
N LEU A 284 21.60 -13.82 6.12
CA LEU A 284 22.79 -13.50 6.89
C LEU A 284 22.78 -12.00 7.19
N ARG A 285 22.91 -11.67 8.47
CA ARG A 285 22.92 -10.28 8.91
CA ARG A 285 22.92 -10.28 8.91
C ARG A 285 24.35 -9.79 9.08
N THR A 286 24.57 -8.51 8.77
CA THR A 286 25.90 -7.91 8.85
C THR A 286 26.11 -7.15 10.16
N ASP A 287 25.27 -7.40 11.17
CA ASP A 287 25.31 -6.61 12.40
C ASP A 287 26.67 -6.68 13.09
N ASN A 288 27.31 -7.85 13.07
CA ASN A 288 28.62 -8.02 13.72
C ASN A 288 29.78 -7.86 12.75
N LEU A 289 29.56 -7.24 11.60
CA LEU A 289 30.59 -7.00 10.61
C LEU A 289 30.82 -5.49 10.50
N LYS A 290 32.02 -5.11 10.07
CA LYS A 290 32.27 -3.69 9.91
C LYS A 290 31.75 -3.17 8.58
N VAL A 291 31.44 -4.07 7.63
CA VAL A 291 30.89 -3.69 6.34
C VAL A 291 29.37 -3.84 6.39
N ASN A 292 28.67 -3.15 5.49
CA ASN A 292 27.24 -3.38 5.34
C ASN A 292 27.00 -4.50 4.33
N ALA A 293 25.74 -4.79 4.05
CA ALA A 293 25.42 -5.93 3.18
C ALA A 293 25.97 -5.72 1.79
N HIS A 294 25.93 -4.49 1.29
CA HIS A 294 26.37 -4.22 -0.07
C HIS A 294 27.87 -4.40 -0.22
N GLY A 295 28.65 -3.92 0.76
CA GLY A 295 30.08 -4.18 0.73
C GLY A 295 30.41 -5.65 0.86
N PHE A 296 29.66 -6.38 1.70
CA PHE A 296 29.93 -7.81 1.81
C PHE A 296 29.61 -8.54 0.50
N ILE A 297 28.51 -8.15 -0.17
CA ILE A 297 28.17 -8.75 -1.47
C ILE A 297 29.32 -8.54 -2.45
N GLU A 298 29.89 -7.33 -2.49
CA GLU A 298 30.98 -7.08 -3.43
C GLU A 298 32.22 -7.88 -3.07
N ALA A 299 32.54 -7.97 -1.78
CA ALA A 299 33.67 -8.79 -1.35
C ALA A 299 33.47 -10.24 -1.72
N LEU A 300 32.26 -10.76 -1.50
CA LEU A 300 31.96 -12.14 -1.90
C LEU A 300 32.11 -12.34 -3.39
N ARG A 301 31.55 -11.42 -4.19
CA ARG A 301 31.65 -11.52 -5.64
C ARG A 301 33.09 -11.57 -6.10
N ASN A 302 33.96 -10.73 -5.51
CA ASN A 302 35.36 -10.74 -5.87
C ASN A 302 36.06 -12.02 -5.44
N SER A 303 35.46 -12.77 -4.50
CA SER A 303 36.02 -14.03 -4.02
C SER A 303 35.37 -15.25 -4.66
N GLY A 304 34.41 -15.06 -5.56
CA GLY A 304 33.80 -16.16 -6.29
C GLY A 304 32.44 -16.61 -5.83
N VAL A 305 31.76 -15.86 -4.96
CA VAL A 305 30.44 -16.23 -4.45
C VAL A 305 29.46 -15.12 -4.80
N LEU A 306 28.36 -15.47 -5.43
CA LEU A 306 27.32 -14.50 -5.80
C LEU A 306 26.14 -14.62 -4.84
N ALA A 307 25.73 -13.49 -4.26
CA ALA A 307 24.55 -13.42 -3.42
C ALA A 307 23.92 -12.04 -3.61
N GLU A 308 22.84 -11.79 -2.89
CA GLU A 308 22.12 -10.53 -3.01
C GLU A 308 21.81 -9.92 -1.65
N ALA A 309 21.93 -8.60 -1.58
CA ALA A 309 21.50 -7.86 -0.41
C ALA A 309 20.01 -7.57 -0.53
N VAL A 310 19.24 -7.91 0.50
CA VAL A 310 17.82 -7.58 0.53
C VAL A 310 17.53 -6.39 1.43
N SER A 311 18.54 -5.89 2.13
CA SER A 311 18.47 -4.63 2.87
C SER A 311 19.91 -4.17 3.07
N ASP A 312 20.09 -3.05 3.76
CA ASP A 312 21.46 -2.59 4.03
C ASP A 312 22.20 -3.50 5.01
N THR A 313 21.47 -4.36 5.74
CA THR A 313 22.09 -5.17 6.78
C THR A 313 21.82 -6.66 6.60
N GLU A 314 21.20 -7.08 5.49
CA GLU A 314 20.80 -8.48 5.33
C GLU A 314 21.12 -8.97 3.93
N ILE A 315 21.73 -10.14 3.84
CA ILE A 315 22.00 -10.83 2.59
CA ILE A 315 21.94 -10.78 2.55
C ILE A 315 21.16 -12.10 2.54
N ARG A 316 20.67 -12.45 1.36
CA ARG A 316 19.90 -13.67 1.14
C ARG A 316 20.75 -14.63 0.32
N LEU A 317 20.89 -15.87 0.81
CA LEU A 317 21.56 -16.93 0.10
C LEU A 317 20.52 -17.97 -0.29
N VAL A 318 20.55 -18.43 -1.54
CA VAL A 318 19.52 -19.33 -2.05
C VAL A 318 20.19 -20.54 -2.69
N THR A 319 19.82 -21.75 -2.23
CA THR A 319 20.32 -22.98 -2.82
C THR A 319 19.35 -23.52 -3.87
N HIS A 320 19.87 -24.42 -4.70
CA HIS A 320 19.16 -24.92 -5.88
C HIS A 320 19.98 -26.03 -6.50
N LYS A 321 19.40 -26.66 -7.52
CA LYS A 321 19.99 -27.85 -8.15
C LYS A 321 21.43 -27.62 -8.60
N ASP A 322 21.75 -26.42 -9.08
CA ASP A 322 23.07 -26.16 -9.66
C ASP A 322 24.10 -25.69 -8.63
N VAL A 323 23.81 -25.80 -7.34
CA VAL A 323 24.86 -25.72 -6.32
C VAL A 323 24.83 -27.03 -5.55
N SER A 324 25.92 -27.79 -5.66
CA SER A 324 26.03 -29.09 -5.00
C SER A 324 26.58 -28.91 -3.60
N ARG A 325 26.62 -30.02 -2.85
CA ARG A 325 27.25 -29.99 -1.54
C ARG A 325 28.72 -29.59 -1.67
N ASN A 326 29.40 -30.06 -2.72
CA ASN A 326 30.78 -29.62 -2.95
C ASN A 326 30.85 -28.11 -3.12
N ASP A 327 29.91 -27.52 -3.88
CA ASP A 327 29.88 -26.08 -4.05
C ASP A 327 29.63 -25.35 -2.74
N ILE A 328 28.74 -25.89 -1.90
CA ILE A 328 28.47 -25.30 -0.60
C ILE A 328 29.72 -25.30 0.27
N GLU A 329 30.45 -26.42 0.26
CA GLU A 329 31.68 -26.51 1.05
C GLU A 329 32.72 -25.52 0.56
N GLU A 330 32.85 -25.37 -0.75
CA GLU A 330 33.77 -24.38 -1.29
C GLU A 330 33.36 -22.96 -0.90
N ALA A 331 32.06 -22.65 -1.01
CA ALA A 331 31.58 -21.35 -0.57
C ALA A 331 31.88 -21.12 0.91
N LEU A 332 31.75 -22.16 1.74
CA LEU A 332 32.01 -22.00 3.16
C LEU A 332 33.48 -21.70 3.42
N ASN A 333 34.38 -22.34 2.66
CA ASN A 333 35.80 -22.00 2.79
C ASN A 333 36.04 -20.53 2.46
N ILE A 334 35.32 -20.01 1.46
CA ILE A 334 35.44 -18.60 1.11
C ILE A 334 34.87 -17.72 2.21
N PHE A 335 33.70 -18.08 2.75
CA PHE A 335 33.13 -17.32 3.86
C PHE A 335 34.05 -17.33 5.07
N GLU A 336 34.71 -18.47 5.33
CA GLU A 336 35.62 -18.55 6.47
C GLU A 336 36.82 -17.63 6.28
N LYS A 337 37.43 -17.65 5.08
CA LYS A 337 38.57 -16.79 4.81
C LYS A 337 38.22 -15.31 4.97
N LEU A 338 37.00 -14.94 4.57
CA LEU A 338 36.58 -13.54 4.60
C LEU A 338 36.25 -13.05 6.00
N PHE A 339 35.90 -13.94 6.93
CA PHE A 339 35.31 -13.51 8.20
C PHE A 339 36.27 -12.61 8.98
N SER A 340 37.55 -12.99 9.07
CA SER A 340 38.49 -12.17 9.81
C SER A 340 38.72 -10.82 9.13
N GLN A 341 38.43 -10.71 7.84
CA GLN A 341 38.63 -9.46 7.12
C GLN A 341 37.45 -8.51 7.24
N VAL A 342 36.27 -9.00 7.63
CA VAL A 342 35.09 -8.16 7.70
C VAL A 342 34.47 -8.11 9.09
N GLN A 343 34.91 -8.94 10.03
CA GLN A 343 34.30 -8.92 11.36
C GLN A 343 34.61 -7.60 12.08
N HIS A 344 33.69 -7.19 12.94
CA HIS A 344 33.78 -5.91 13.62
C HIS A 344 34.80 -5.97 14.76
N MET B 1 -30.33 18.03 16.91
CA MET B 1 -29.11 17.24 16.89
C MET B 1 -27.87 18.13 17.04
N ILE B 2 -26.89 17.65 17.79
CA ILE B 2 -25.60 18.32 17.92
C ILE B 2 -24.61 17.55 17.06
N ASP B 3 -24.09 18.20 16.02
CA ASP B 3 -23.36 17.50 14.95
C ASP B 3 -21.86 17.66 15.19
N LEU B 4 -21.24 16.61 15.75
CA LEU B 4 -19.79 16.51 15.93
C LEU B 4 -19.17 15.54 14.94
N ARG B 5 -19.86 15.24 13.83
CA ARG B 5 -19.33 14.25 12.89
C ARG B 5 -18.12 14.79 12.13
N SER B 6 -18.14 16.07 11.77
CA SER B 6 -17.18 16.61 10.82
C SER B 6 -17.30 18.13 10.83
N ASP B 7 -16.23 18.80 10.40
CA ASP B 7 -16.31 20.24 10.14
C ASP B 7 -16.78 20.56 8.72
N THR B 8 -17.03 19.54 7.89
CA THR B 8 -17.59 19.77 6.55
C THR B 8 -19.03 20.23 6.61
N VAL B 9 -19.72 19.97 7.73
CA VAL B 9 -21.14 20.28 7.87
C VAL B 9 -21.41 21.75 8.06
N THR B 10 -20.37 22.58 8.16
CA THR B 10 -20.53 24.02 8.34
C THR B 10 -21.38 24.62 7.24
N LYS B 11 -22.33 25.48 7.63
CA LYS B 11 -23.18 26.15 6.67
C LYS B 11 -22.67 27.56 6.39
N PRO B 12 -23.02 28.14 5.23
CA PRO B 12 -22.46 29.44 4.88
C PRO B 12 -22.98 30.56 5.77
N THR B 13 -22.13 31.53 6.00
CA THR B 13 -22.53 32.70 6.79
C THR B 13 -23.42 33.61 5.96
N GLU B 14 -24.11 34.53 6.63
CA GLU B 14 -24.93 35.49 5.90
C GLU B 14 -24.09 36.30 4.92
N GLU B 15 -22.87 36.67 5.33
CA GLU B 15 -21.97 37.37 4.43
C GLU B 15 -21.66 36.53 3.18
N MET B 16 -21.46 35.23 3.36
CA MET B 16 -21.23 34.36 2.20
C MET B 16 -22.45 34.29 1.30
N ARG B 17 -23.65 34.21 1.89
CA ARG B 17 -24.86 34.12 1.07
C ARG B 17 -25.04 35.36 0.22
N LYS B 18 -24.84 36.54 0.80
CA LYS B 18 -24.89 37.77 0.02
C LYS B 18 -23.84 37.77 -1.09
N ALA B 19 -22.62 37.32 -0.78
CA ALA B 19 -21.54 37.35 -1.76
C ALA B 19 -21.82 36.39 -2.91
N MET B 20 -22.38 35.21 -2.63
CA MET B 20 -22.72 34.31 -3.71
C MET B 20 -23.79 34.91 -4.60
N ALA B 21 -24.79 35.58 -3.99
CA ALA B 21 -25.89 36.16 -4.76
C ALA B 21 -25.40 37.22 -5.73
N GLN B 22 -24.41 38.02 -5.36
CA GLN B 22 -23.97 39.09 -6.23
C GLN B 22 -22.60 38.82 -6.84
N ALA B 23 -22.16 37.56 -6.85
CA ALA B 23 -20.87 37.23 -7.43
C ALA B 23 -20.78 37.66 -8.90
N GLU B 24 -19.65 38.27 -9.26
CA GLU B 24 -19.34 38.54 -10.65
C GLU B 24 -18.75 37.27 -11.28
N VAL B 25 -19.38 36.75 -12.33
CA VAL B 25 -19.04 35.43 -12.85
C VAL B 25 -18.67 35.53 -14.34
N GLY B 26 -18.07 34.44 -14.83
CA GLY B 26 -17.76 34.24 -16.23
C GLY B 26 -17.51 32.77 -16.44
N ASP B 27 -17.12 32.41 -17.66
CA ASP B 27 -16.92 30.99 -18.02
C ASP B 27 -15.50 30.58 -17.63
N ASP B 28 -15.39 29.78 -16.56
CA ASP B 28 -14.08 29.37 -16.07
C ASP B 28 -13.31 28.50 -17.06
N VAL B 29 -13.98 27.79 -17.98
CA VAL B 29 -13.23 27.02 -18.96
C VAL B 29 -12.37 27.93 -19.83
N TYR B 30 -12.85 29.16 -20.09
CA TYR B 30 -12.07 30.17 -20.80
C TYR B 30 -11.20 31.03 -19.88
N GLY B 31 -11.15 30.71 -18.59
CA GLY B 31 -10.44 31.54 -17.63
C GLY B 31 -11.07 32.90 -17.41
N GLU B 32 -12.39 33.01 -17.62
CA GLU B 32 -13.04 34.31 -17.66
C GLU B 32 -13.92 34.59 -16.44
N ASP B 33 -13.88 33.76 -15.39
CA ASP B 33 -14.64 34.06 -14.19
C ASP B 33 -13.80 34.93 -13.27
N PRO B 34 -14.16 36.19 -13.07
CA PRO B 34 -13.29 37.11 -12.30
C PRO B 34 -13.17 36.75 -10.84
N THR B 35 -14.20 36.12 -10.26
CA THR B 35 -14.18 35.78 -8.85
C THR B 35 -13.34 34.53 -8.60
N ILE B 36 -13.45 33.53 -9.48
CA ILE B 36 -12.50 32.41 -9.45
C ILE B 36 -11.07 32.92 -9.57
N ASN B 37 -10.83 33.80 -10.54
CA ASN B 37 -9.47 34.26 -10.79
C ASN B 37 -8.92 35.01 -9.58
N GLU B 38 -9.75 35.79 -8.91
CA GLU B 38 -9.28 36.50 -7.72
C GLU B 38 -9.05 35.55 -6.57
N LEU B 39 -9.91 34.53 -6.40
CA LEU B 39 -9.68 33.54 -5.35
C LEU B 39 -8.37 32.81 -5.56
N GLU B 40 -8.11 32.39 -6.80
CA GLU B 40 -6.84 31.72 -7.10
C GLU B 40 -5.65 32.66 -6.87
N ARG B 41 -5.78 33.93 -7.25
CA ARG B 41 -4.71 34.90 -7.01
C ARG B 41 -4.44 35.04 -5.51
N LEU B 42 -5.50 35.24 -4.72
CA LEU B 42 -5.35 35.36 -3.27
C LEU B 42 -4.75 34.11 -2.67
N ALA B 43 -5.17 32.93 -3.15
CA ALA B 43 -4.66 31.69 -2.59
C ALA B 43 -3.19 31.52 -2.88
N ALA B 44 -2.78 31.75 -4.13
CA ALA B 44 -1.37 31.66 -4.48
C ALA B 44 -0.55 32.64 -3.65
N GLU B 45 -1.05 33.86 -3.48
CA GLU B 45 -0.32 34.87 -2.71
C GLU B 45 -0.20 34.45 -1.25
N THR B 46 -1.29 33.98 -0.65
CA THR B 46 -1.30 33.57 0.75
C THR B 46 -0.26 32.48 1.02
N PHE B 47 -0.08 31.57 0.06
CA PHE B 47 0.80 30.42 0.26
C PHE B 47 2.17 30.63 -0.35
N GLY B 48 2.44 31.81 -0.91
CA GLY B 48 3.75 32.08 -1.47
C GLY B 48 4.07 31.29 -2.73
N LYS B 49 3.06 30.93 -3.51
CA LYS B 49 3.23 30.15 -4.72
C LYS B 49 2.90 30.95 -5.96
N GLU B 50 3.37 30.44 -7.11
CA GLU B 50 3.15 31.12 -8.39
C GLU B 50 1.69 31.05 -8.84
N ALA B 51 0.99 29.97 -8.53
CA ALA B 51 -0.30 29.73 -9.18
C ALA B 51 -1.20 28.91 -8.28
N ALA B 52 -2.50 28.89 -8.62
CA ALA B 52 -3.48 28.16 -7.82
C ALA B 52 -4.66 27.73 -8.68
N LEU B 53 -5.40 26.75 -8.17
CA LEU B 53 -6.45 26.06 -8.91
C LEU B 53 -7.61 25.72 -7.99
N PHE B 54 -8.78 26.31 -8.25
CA PHE B 54 -10.00 25.94 -7.53
C PHE B 54 -10.48 24.56 -7.98
N VAL B 55 -10.91 23.74 -7.03
CA VAL B 55 -11.49 22.44 -7.32
C VAL B 55 -12.72 22.22 -6.45
N PRO B 56 -13.65 21.37 -6.91
CA PRO B 56 -14.91 21.20 -6.16
C PRO B 56 -14.82 20.36 -4.89
N SER B 57 -13.72 19.67 -4.62
CA SER B 57 -13.55 18.90 -3.39
C SER B 57 -12.06 18.78 -3.08
N GLY B 58 -11.79 18.45 -1.82
CA GLY B 58 -10.41 18.18 -1.42
C GLY B 58 -9.90 16.90 -2.05
N THR B 59 -10.79 15.92 -2.23
CA THR B 59 -10.42 14.70 -2.96
C THR B 59 -9.92 15.05 -4.36
N MET B 60 -10.67 15.88 -5.09
CA MET B 60 -10.18 16.22 -6.42
C MET B 60 -8.87 16.99 -6.34
N GLY B 61 -8.73 17.87 -5.35
CA GLY B 61 -7.47 18.59 -5.19
C GLY B 61 -6.29 17.66 -5.01
N ASN B 62 -6.42 16.67 -4.13
CA ASN B 62 -5.34 15.69 -3.97
C ASN B 62 -5.11 14.90 -5.25
N GLN B 63 -6.20 14.50 -5.91
CA GLN B 63 -6.03 13.56 -7.03
C GLN B 63 -5.45 14.25 -8.27
N VAL B 64 -5.84 15.50 -8.54
CA VAL B 64 -5.17 16.19 -9.65
C VAL B 64 -3.72 16.48 -9.32
N SER B 65 -3.39 16.67 -8.03
CA SER B 65 -2.00 16.87 -7.67
C SER B 65 -1.19 15.62 -7.92
N ILE B 66 -1.73 14.47 -7.50
CA ILE B 66 -1.07 13.19 -7.76
C ILE B 66 -0.89 13.00 -9.27
N MET B 67 -1.94 13.23 -10.05
CA MET B 67 -1.82 13.08 -11.50
CA MET B 67 -1.80 13.06 -11.49
C MET B 67 -0.71 13.95 -12.07
N ALA B 68 -0.67 15.22 -11.65
CA ALA B 68 0.28 16.17 -12.20
C ALA B 68 1.70 15.94 -11.72
N HIS B 69 1.89 15.24 -10.60
CA HIS B 69 3.22 14.91 -10.07
C HIS B 69 3.78 13.58 -10.55
N THR B 70 2.98 12.70 -11.16
CA THR B 70 3.40 11.32 -11.34
C THR B 70 3.23 10.86 -12.78
N GLN B 71 3.85 9.71 -13.08
CA GLN B 71 3.57 8.95 -14.29
C GLN B 71 3.06 7.57 -13.91
N ARG B 72 2.45 6.87 -14.87
CA ARG B 72 1.94 5.53 -14.61
C ARG B 72 3.04 4.64 -14.04
N GLY B 73 2.68 3.87 -13.03
CA GLY B 73 3.61 2.95 -12.41
C GLY B 73 4.46 3.54 -11.32
N ASP B 74 4.39 4.85 -11.08
CA ASP B 74 5.15 5.44 -9.98
C ASP B 74 4.60 4.98 -8.62
N GLU B 75 5.40 5.22 -7.59
CA GLU B 75 4.99 5.00 -6.22
C GLU B 75 4.90 6.33 -5.50
N VAL B 76 3.95 6.42 -4.57
CA VAL B 76 3.69 7.59 -3.74
C VAL B 76 3.85 7.19 -2.29
N ILE B 77 4.83 7.77 -1.61
CA ILE B 77 4.98 7.55 -0.18
C ILE B 77 3.98 8.44 0.55
N LEU B 78 3.25 7.87 1.50
CA LEU B 78 2.29 8.63 2.29
CA LEU B 78 2.27 8.62 2.28
C LEU B 78 2.07 7.91 3.61
N GLU B 79 1.56 8.65 4.59
CA GLU B 79 1.37 8.06 5.91
C GLU B 79 0.24 7.04 5.85
N ALA B 80 0.40 5.94 6.59
CA ALA B 80 -0.47 4.77 6.41
C ALA B 80 -1.93 5.05 6.74
N ASP B 81 -2.22 6.04 7.57
CA ASP B 81 -3.59 6.39 7.94
C ASP B 81 -4.04 7.70 7.29
N SER B 82 -3.31 8.16 6.27
CA SER B 82 -3.67 9.44 5.67
C SER B 82 -4.89 9.30 4.76
N HIS B 83 -5.57 10.43 4.56
CA HIS B 83 -6.85 10.44 3.86
C HIS B 83 -6.71 9.92 2.43
N ILE B 84 -5.61 10.26 1.75
CA ILE B 84 -5.45 9.81 0.36
C ILE B 84 -5.50 8.30 0.25
N PHE B 85 -4.97 7.59 1.25
CA PHE B 85 -5.03 6.13 1.24
C PHE B 85 -6.33 5.61 1.86
N TRP B 86 -6.75 6.25 2.95
CA TRP B 86 -7.88 5.78 3.75
C TRP B 86 -9.21 5.97 3.04
N ALA B 87 -9.43 7.15 2.43
CA ALA B 87 -10.80 7.56 2.20
C ALA B 87 -10.98 8.31 0.89
N GLU B 88 -10.16 8.00 -0.12
CA GLU B 88 -10.30 8.60 -1.44
C GLU B 88 -10.50 7.51 -2.50
N VAL B 89 -11.26 6.48 -2.11
CA VAL B 89 -11.89 5.51 -3.00
C VAL B 89 -10.87 4.77 -3.89
N GLY B 90 -9.61 4.68 -3.44
CA GLY B 90 -8.63 4.04 -4.30
C GLY B 90 -8.31 4.82 -5.56
N ALA B 91 -8.65 6.11 -5.57
CA ALA B 91 -8.52 6.92 -6.78
C ALA B 91 -7.09 6.95 -7.29
N MET B 92 -6.09 6.95 -6.42
CA MET B 92 -4.73 7.10 -6.93
C MET B 92 -4.35 5.94 -7.84
N ALA B 93 -4.86 4.73 -7.55
CA ALA B 93 -4.59 3.58 -8.40
C ALA B 93 -5.38 3.65 -9.70
N VAL B 94 -6.66 4.05 -9.61
CA VAL B 94 -7.52 4.04 -10.80
C VAL B 94 -7.15 5.18 -11.73
N LEU B 95 -7.05 6.39 -11.19
CA LEU B 95 -6.88 7.60 -12.01
CA LEU B 95 -6.89 7.56 -12.04
C LEU B 95 -5.45 7.75 -12.48
N SER B 96 -4.48 7.51 -11.60
CA SER B 96 -3.09 7.77 -11.89
C SER B 96 -2.26 6.51 -12.13
N GLY B 97 -2.80 5.33 -11.83
CA GLY B 97 -2.02 4.11 -11.98
C GLY B 97 -0.77 4.09 -11.13
N VAL B 98 -0.84 4.67 -9.93
CA VAL B 98 0.29 4.69 -9.02
C VAL B 98 -0.01 3.81 -7.81
N MET B 99 1.07 3.31 -7.19
CA MET B 99 0.97 2.50 -5.99
CA MET B 99 1.05 2.49 -5.99
C MET B 99 1.23 3.35 -4.76
N PRO B 100 0.41 3.25 -3.74
CA PRO B 100 0.77 3.85 -2.45
C PRO B 100 1.87 3.01 -1.79
N HIS B 101 2.75 3.70 -1.06
CA HIS B 101 3.72 3.05 -0.17
C HIS B 101 3.40 3.54 1.23
N PRO B 102 2.49 2.88 1.94
CA PRO B 102 2.06 3.40 3.25
C PRO B 102 3.18 3.26 4.28
N VAL B 103 3.49 4.36 4.95
CA VAL B 103 4.49 4.40 6.01
C VAL B 103 3.76 4.72 7.30
N PRO B 104 3.70 3.81 8.28
CA PRO B 104 3.03 4.15 9.54
C PRO B 104 3.84 5.21 10.28
N GLY B 105 3.16 6.28 10.68
CA GLY B 105 3.78 7.39 11.38
C GLY B 105 3.38 7.42 12.84
N LYS B 106 3.85 8.46 13.51
CA LYS B 106 3.45 8.77 14.88
C LYS B 106 2.75 10.13 14.83
N ASN B 107 1.43 10.11 15.02
CA ASN B 107 0.60 11.32 14.99
C ASN B 107 0.68 12.05 13.65
N GLY B 108 0.69 11.28 12.57
CA GLY B 108 0.77 11.83 11.24
C GLY B 108 2.17 12.08 10.74
N ALA B 109 3.16 12.08 11.63
CA ALA B 109 4.53 12.36 11.25
C ALA B 109 5.21 11.04 10.89
N MET B 110 5.50 10.85 9.61
CA MET B 110 6.37 9.76 9.21
C MET B 110 7.79 10.03 9.70
N ASP B 111 8.42 9.04 10.29
CA ASP B 111 9.83 9.17 10.65
C ASP B 111 10.61 9.39 9.37
N PRO B 112 11.39 10.48 9.26
CA PRO B 112 12.14 10.71 8.02
C PRO B 112 13.04 9.54 7.65
N ASP B 113 13.57 8.81 8.63
CA ASP B 113 14.38 7.64 8.29
C ASP B 113 13.54 6.55 7.61
N ASP B 114 12.27 6.41 8.00
CA ASP B 114 11.40 5.47 7.30
C ASP B 114 11.07 5.94 5.89
N VAL B 115 10.95 7.26 5.71
CA VAL B 115 10.76 7.80 4.36
C VAL B 115 11.97 7.47 3.49
N ARG B 116 13.18 7.69 4.03
CA ARG B 116 14.40 7.34 3.29
CA ARG B 116 14.39 7.34 3.28
C ARG B 116 14.37 5.88 2.85
N LYS B 117 14.02 4.99 3.77
CA LYS B 117 14.00 3.55 3.47
C LYS B 117 12.91 3.18 2.48
N ALA B 118 11.85 3.97 2.37
CA ALA B 118 10.75 3.65 1.47
C ALA B 118 11.02 4.06 0.02
N ILE B 119 12.00 4.92 -0.23
CA ILE B 119 12.32 5.33 -1.59
C ILE B 119 12.92 4.15 -2.34
N ARG B 120 12.40 3.88 -3.54
CA ARG B 120 12.85 2.74 -4.32
C ARG B 120 14.18 3.05 -4.99
N ASP B 121 15.09 2.09 -4.97
CA ASP B 121 16.27 2.29 -5.79
C ASP B 121 15.90 2.00 -7.24
N GLY B 122 16.85 2.32 -8.13
N GLY B 122 16.84 2.22 -8.16
CA GLY B 122 16.66 2.14 -9.56
CA GLY B 122 16.46 2.18 -9.57
C GLY B 122 16.89 0.71 -9.97
C GLY B 122 16.25 0.83 -10.23
N ASN B 123 15.92 -0.15 -9.68
N ASN B 123 16.02 -0.23 -9.46
CA ASN B 123 15.96 -1.55 -10.02
CA ASN B 123 15.99 -1.57 -10.02
C ASN B 123 14.73 -1.86 -10.87
C ASN B 123 14.77 -1.78 -10.93
N ILE B 124 14.92 -2.69 -11.90
CA ILE B 124 13.84 -2.97 -12.86
C ILE B 124 12.59 -3.53 -12.17
N HIS B 125 12.75 -4.18 -11.00
CA HIS B 125 11.60 -4.74 -10.30
C HIS B 125 10.74 -3.70 -9.59
N PHE B 126 11.22 -2.48 -9.41
CA PHE B 126 10.57 -1.54 -8.50
C PHE B 126 9.92 -0.38 -9.25
N PRO B 127 8.78 0.10 -8.78
CA PRO B 127 8.27 1.39 -9.25
C PRO B 127 9.25 2.51 -8.96
N ARG B 128 9.08 3.63 -9.66
CA ARG B 128 9.83 4.85 -9.39
C ARG B 128 9.10 5.67 -8.34
N THR B 129 9.78 5.99 -7.23
CA THR B 129 9.21 6.89 -6.23
C THR B 129 9.25 8.30 -6.78
N SER B 130 8.07 8.93 -6.97
CA SER B 130 8.04 10.26 -7.56
C SER B 130 7.33 11.27 -6.70
N LEU B 131 6.68 10.85 -5.61
CA LEU B 131 5.90 11.76 -4.80
C LEU B 131 5.92 11.30 -3.36
N ILE B 132 6.07 12.24 -2.44
CA ILE B 132 5.83 12.05 -1.01
C ILE B 132 4.69 12.98 -0.62
N ALA B 133 3.66 12.44 0.04
CA ALA B 133 2.55 13.24 0.53
C ALA B 133 2.59 13.31 2.05
N ILE B 134 2.36 14.51 2.59
CA ILE B 134 2.27 14.78 4.02
C ILE B 134 0.92 15.42 4.31
N GLU B 135 0.25 14.98 5.38
CA GLU B 135 -1.07 15.49 5.74
C GLU B 135 -0.99 16.33 7.02
N ASN B 136 -1.40 17.61 6.94
CA ASN B 136 -1.29 18.49 8.11
C ASN B 136 -2.44 19.48 8.14
N THR B 137 -3.27 19.44 9.18
CA THR B 137 -3.25 18.46 10.26
C THR B 137 -3.55 17.05 9.79
N HIS B 138 -3.22 16.06 10.63
CA HIS B 138 -3.48 14.66 10.31
C HIS B 138 -4.82 14.28 10.92
N ASN B 139 -5.76 13.86 10.06
CA ASN B 139 -7.15 13.62 10.46
C ASN B 139 -7.27 12.43 11.40
N ARG B 140 -6.90 11.23 10.92
CA ARG B 140 -7.20 9.99 11.63
C ARG B 140 -6.61 9.96 13.04
N SER B 141 -5.44 10.54 13.26
CA SER B 141 -4.83 10.50 14.59
C SER B 141 -5.45 11.50 15.56
N GLY B 142 -6.44 12.27 15.13
CA GLY B 142 -7.08 13.22 16.02
C GLY B 142 -6.80 14.68 15.73
N GLY B 143 -6.64 15.03 14.46
CA GLY B 143 -6.34 16.42 14.13
C GLY B 143 -4.99 16.84 14.66
N ARG B 144 -3.98 16.01 14.50
CA ARG B 144 -2.67 16.27 15.07
C ARG B 144 -1.84 17.12 14.13
N VAL B 145 -0.95 17.91 14.73
CA VAL B 145 -0.11 18.85 13.99
C VAL B 145 1.23 18.18 13.68
N VAL B 146 1.55 18.06 12.40
CA VAL B 146 2.86 17.55 11.99
C VAL B 146 3.92 18.61 12.25
N PRO B 147 5.00 18.29 12.97
CA PRO B 147 6.00 19.33 13.27
C PRO B 147 6.66 19.87 12.01
N LEU B 148 6.94 21.18 12.01
CA LEU B 148 7.59 21.79 10.86
C LEU B 148 8.93 21.13 10.55
N GLU B 149 9.67 20.72 11.59
CA GLU B 149 10.96 20.07 11.35
C GLU B 149 10.80 18.75 10.60
N ASN B 150 9.68 18.05 10.83
CA ASN B 150 9.41 16.83 10.06
C ASN B 150 9.23 17.15 8.59
N ILE B 151 8.40 18.16 8.30
CA ILE B 151 8.18 18.58 6.92
C ILE B 151 9.49 19.07 6.29
N LYS B 152 10.29 19.81 7.05
CA LYS B 152 11.55 20.32 6.52
C LYS B 152 12.50 19.19 6.16
N GLU B 153 12.61 18.17 7.01
CA GLU B 153 13.57 17.10 6.70
C GLU B 153 13.10 16.25 5.53
N ILE B 154 11.78 16.01 5.44
CA ILE B 154 11.27 15.25 4.30
C ILE B 154 11.48 16.02 3.01
N CYS B 155 11.32 17.35 3.05
CA CYS B 155 11.63 18.17 1.88
C CYS B 155 13.08 18.01 1.44
N THR B 156 14.02 17.98 2.39
CA THR B 156 15.42 17.78 2.04
C THR B 156 15.63 16.43 1.37
N ILE B 157 15.05 15.37 1.94
CA ILE B 157 15.16 14.04 1.37
C ILE B 157 14.63 14.03 -0.06
N ALA B 158 13.44 14.63 -0.26
CA ALA B 158 12.82 14.62 -1.58
C ALA B 158 13.66 15.36 -2.60
N LYS B 159 14.17 16.55 -2.24
CA LYS B 159 15.02 17.32 -3.15
C LYS B 159 16.21 16.50 -3.63
N GLU B 160 16.85 15.75 -2.73
CA GLU B 160 17.99 14.91 -3.09
C GLU B 160 17.67 13.99 -4.26
N HIS B 161 16.50 13.36 -4.20
CA HIS B 161 16.14 12.32 -5.17
C HIS B 161 15.32 12.86 -6.32
N GLY B 162 15.07 14.17 -6.38
CA GLY B 162 14.17 14.70 -7.40
C GLY B 162 12.74 14.25 -7.25
N ILE B 163 12.30 14.01 -6.02
CA ILE B 163 10.94 13.56 -5.70
C ILE B 163 10.07 14.77 -5.37
N ASN B 164 8.84 14.80 -5.87
CA ASN B 164 7.93 15.89 -5.53
C ASN B 164 7.36 15.72 -4.12
N VAL B 165 6.95 16.86 -3.52
CA VAL B 165 6.30 16.86 -2.20
C VAL B 165 4.95 17.55 -2.31
N HIS B 166 3.91 16.85 -1.87
CA HIS B 166 2.55 17.38 -1.77
C HIS B 166 2.13 17.40 -0.31
N ILE B 167 1.62 18.54 0.15
CA ILE B 167 0.99 18.61 1.47
C ILE B 167 -0.51 18.54 1.26
N ASP B 168 -1.14 17.51 1.86
CA ASP B 168 -2.59 17.53 2.02
C ASP B 168 -2.87 18.44 3.20
N GLY B 169 -3.15 19.70 2.90
CA GLY B 169 -3.43 20.68 3.93
C GLY B 169 -4.91 20.99 4.02
N ALA B 170 -5.75 19.96 3.87
CA ALA B 170 -7.18 20.13 4.12
C ALA B 170 -7.42 21.05 5.30
N ARG B 171 -6.69 20.84 6.39
CA ARG B 171 -6.81 21.62 7.61
C ARG B 171 -5.50 22.32 7.98
N ILE B 172 -4.84 22.90 6.97
CA ILE B 172 -3.53 23.52 7.20
C ILE B 172 -3.67 24.80 8.01
N PHE B 173 -4.81 25.50 7.90
CA PHE B 173 -4.97 26.69 8.75
C PHE B 173 -5.20 26.31 10.21
N ASN B 174 -5.89 25.19 10.48
CA ASN B 174 -5.92 24.69 11.86
C ASN B 174 -4.52 24.41 12.38
N ALA B 175 -3.68 23.76 11.57
CA ALA B 175 -2.30 23.51 11.96
C ALA B 175 -1.57 24.82 12.24
N SER B 176 -1.71 25.80 11.34
CA SER B 176 -1.03 27.08 11.50
C SER B 176 -1.48 27.80 12.77
N ILE B 177 -2.79 27.82 13.05
CA ILE B 177 -3.30 28.50 14.24
C ILE B 177 -2.73 27.86 15.50
N ALA B 178 -2.59 26.53 15.51
CA ALA B 178 -2.10 25.84 16.70
C ALA B 178 -0.58 25.93 16.85
N SER B 179 0.16 25.97 15.75
CA SER B 179 1.62 25.93 15.81
C SER B 179 2.26 27.30 15.76
N GLY B 180 1.58 28.30 15.23
CA GLY B 180 2.21 29.58 14.95
C GLY B 180 2.99 29.62 13.66
N VAL B 181 3.07 28.52 12.91
CA VAL B 181 3.78 28.49 11.64
C VAL B 181 2.88 29.08 10.56
N PRO B 182 3.31 30.12 9.84
CA PRO B 182 2.50 30.67 8.75
C PRO B 182 2.36 29.64 7.64
N VAL B 183 1.20 29.67 6.96
CA VAL B 183 0.97 28.64 5.95
C VAL B 183 1.99 28.77 4.83
N LYS B 184 2.44 30.00 4.55
CA LYS B 184 3.48 30.21 3.55
C LYS B 184 4.77 29.49 3.93
N GLU B 185 5.05 29.38 5.24
CA GLU B 185 6.28 28.70 5.67
C GLU B 185 6.17 27.18 5.46
N TYR B 186 5.05 26.57 5.89
CA TYR B 186 4.80 25.17 5.54
C TYR B 186 4.96 24.96 4.04
N ALA B 187 4.33 25.83 3.25
CA ALA B 187 4.25 25.62 1.81
C ALA B 187 5.60 25.77 1.12
N GLY B 188 6.55 26.48 1.73
CA GLY B 188 7.85 26.60 1.11
C GLY B 188 8.66 25.32 1.08
N TYR B 189 8.23 24.31 1.83
CA TYR B 189 8.89 23.02 1.85
C TYR B 189 8.14 21.97 1.03
N ALA B 190 7.21 22.42 0.16
CA ALA B 190 6.42 21.50 -0.66
C ALA B 190 6.34 22.04 -2.08
N ASP B 191 6.12 21.13 -3.04
CA ASP B 191 5.86 21.59 -4.40
C ASP B 191 4.41 22.03 -4.55
N SER B 192 3.49 21.33 -3.87
CA SER B 192 2.08 21.67 -3.94
C SER B 192 1.45 21.55 -2.56
N VAL B 193 0.39 22.33 -2.32
CA VAL B 193 -0.45 22.19 -1.14
C VAL B 193 -1.89 22.22 -1.60
N MET B 194 -2.70 21.28 -1.12
CA MET B 194 -4.15 21.35 -1.24
C MET B 194 -4.68 21.85 0.09
N PHE B 195 -5.54 22.87 0.08
CA PHE B 195 -6.20 23.28 1.30
C PHE B 195 -7.69 23.46 1.04
N CYS B 196 -8.50 23.17 2.06
CA CYS B 196 -9.95 23.17 1.90
C CYS B 196 -10.58 24.48 2.34
N LEU B 197 -11.62 24.88 1.63
CA LEU B 197 -12.45 26.02 2.01
C LEU B 197 -13.74 25.58 2.71
N SER B 198 -14.13 24.32 2.53
CA SER B 198 -15.45 23.83 2.86
C SER B 198 -15.51 23.11 4.19
N LYS B 199 -14.43 23.15 4.97
CA LYS B 199 -14.40 22.54 6.29
C LYS B 199 -14.52 23.66 7.33
N GLY B 200 -13.51 23.85 8.18
CA GLY B 200 -13.63 24.85 9.22
C GLY B 200 -13.78 26.28 8.74
N LEU B 201 -13.37 26.57 7.50
CA LEU B 201 -13.50 27.93 6.98
C LEU B 201 -14.90 28.23 6.44
N CYS B 202 -15.80 27.23 6.40
CA CYS B 202 -17.26 27.38 6.28
C CYS B 202 -17.78 27.69 4.89
N ALA B 203 -16.96 27.62 3.84
CA ALA B 203 -17.50 27.74 2.49
C ALA B 203 -18.36 26.51 2.16
N PRO B 204 -19.36 26.66 1.28
CA PRO B 204 -20.21 25.51 0.97
C PRO B 204 -19.53 24.48 0.09
N VAL B 205 -18.57 24.88 -0.75
CA VAL B 205 -17.99 23.94 -1.70
C VAL B 205 -16.57 24.30 -2.12
N GLY B 206 -15.70 23.30 -2.18
CA GLY B 206 -14.39 23.59 -2.71
C GLY B 206 -13.18 23.55 -1.80
N SER B 207 -12.07 23.45 -2.54
CA SER B 207 -10.70 23.46 -2.06
C SER B 207 -9.87 24.14 -3.13
N VAL B 208 -8.60 24.37 -2.83
CA VAL B 208 -7.68 25.03 -3.74
C VAL B 208 -6.35 24.29 -3.71
N VAL B 209 -5.74 24.10 -4.87
CA VAL B 209 -4.37 23.59 -4.96
C VAL B 209 -3.47 24.77 -5.32
N VAL B 210 -2.33 24.91 -4.61
CA VAL B 210 -1.35 25.94 -4.92
C VAL B 210 -0.03 25.29 -5.31
N GLY B 211 0.69 25.93 -6.24
CA GLY B 211 1.99 25.41 -6.65
C GLY B 211 2.61 26.23 -7.76
N ASP B 212 3.63 25.66 -8.39
CA ASP B 212 4.31 26.31 -9.52
C ASP B 212 3.39 26.40 -10.73
N ARG B 213 3.68 27.38 -11.60
CA ARG B 213 2.85 27.60 -12.79
C ARG B 213 2.71 26.34 -13.64
N ASP B 214 3.83 25.66 -13.93
CA ASP B 214 3.75 24.51 -14.84
C ASP B 214 2.97 23.35 -14.19
N PHE B 215 3.20 23.11 -12.89
CA PHE B 215 2.44 22.09 -12.18
C PHE B 215 0.94 22.41 -12.19
N ILE B 216 0.59 23.66 -11.93
CA ILE B 216 -0.83 24.02 -11.88
C ILE B 216 -1.49 23.88 -13.24
N GLU B 217 -0.75 24.16 -14.32
CA GLU B 217 -1.31 23.94 -15.66
CA GLU B 217 -1.34 23.94 -15.64
C GLU B 217 -1.58 22.46 -15.90
N ARG B 218 -0.65 21.59 -15.47
CA ARG B 218 -0.90 20.16 -15.57
C ARG B 218 -2.09 19.74 -14.72
N ALA B 219 -2.18 20.30 -13.51
CA ALA B 219 -3.29 19.96 -12.63
C ALA B 219 -4.61 20.48 -13.18
N ARG B 220 -4.59 21.60 -13.88
CA ARG B 220 -5.82 22.13 -14.48
C ARG B 220 -6.32 21.23 -15.60
N LYS B 221 -5.41 20.64 -16.37
CA LYS B 221 -5.84 19.69 -17.40
C LYS B 221 -6.35 18.40 -16.77
N ALA B 222 -5.68 17.94 -15.69
CA ALA B 222 -6.21 16.81 -14.93
C ALA B 222 -7.60 17.12 -14.39
N ARG B 223 -7.81 18.35 -13.92
CA ARG B 223 -9.14 18.74 -13.44
C ARG B 223 -10.17 18.61 -14.56
N LYS B 224 -9.82 19.04 -15.77
CA LYS B 224 -10.74 18.92 -16.90
C LYS B 224 -11.10 17.46 -17.14
N MET B 225 -10.09 16.59 -17.11
CA MET B 225 -10.29 15.16 -17.34
C MET B 225 -11.20 14.54 -16.29
N LEU B 226 -11.04 14.93 -15.02
CA LEU B 226 -11.83 14.35 -13.94
C LEU B 226 -13.23 14.93 -13.87
N GLY B 227 -13.49 16.05 -14.54
CA GLY B 227 -14.79 16.66 -14.54
C GLY B 227 -14.98 17.83 -13.60
N GLY B 228 -13.90 18.45 -13.11
CA GLY B 228 -13.97 19.62 -12.25
C GLY B 228 -13.90 20.94 -12.99
N GLY B 229 -13.95 20.91 -14.32
CA GLY B 229 -13.94 22.12 -15.12
C GLY B 229 -15.33 22.71 -15.24
N MET B 230 -15.66 23.63 -14.35
CA MET B 230 -16.99 24.20 -14.23
C MET B 230 -17.12 25.46 -15.07
N ARG B 231 -18.33 26.04 -15.07
CA ARG B 231 -18.58 27.25 -15.85
C ARG B 231 -18.54 28.47 -14.93
N GLN B 232 -19.69 29.01 -14.51
CA GLN B 232 -19.71 30.23 -13.71
C GLN B 232 -19.52 29.89 -12.22
N ALA B 233 -18.39 29.23 -11.92
CA ALA B 233 -18.12 28.81 -10.55
C ALA B 233 -17.74 29.97 -9.64
N GLY B 234 -17.73 31.21 -10.14
CA GLY B 234 -17.54 32.37 -9.27
C GLY B 234 -18.56 32.48 -8.16
N VAL B 235 -19.75 31.90 -8.34
CA VAL B 235 -20.71 31.84 -7.25
C VAL B 235 -20.08 31.18 -6.03
N LEU B 236 -19.40 30.05 -6.25
CA LEU B 236 -18.72 29.36 -5.16
C LEU B 236 -17.49 30.11 -4.69
N ALA B 237 -16.72 30.67 -5.64
CA ALA B 237 -15.48 31.33 -5.28
C ALA B 237 -15.74 32.57 -4.42
N ALA B 238 -16.91 33.20 -4.57
CA ALA B 238 -17.21 34.37 -3.74
C ALA B 238 -17.26 34.00 -2.27
N ALA B 239 -17.92 32.88 -1.94
CA ALA B 239 -17.89 32.39 -0.57
C ALA B 239 -16.48 31.94 -0.19
N GLY B 240 -15.72 31.42 -1.15
CA GLY B 240 -14.37 30.96 -0.86
C GLY B 240 -13.42 32.09 -0.47
N ILE B 241 -13.56 33.25 -1.11
CA ILE B 241 -12.75 34.42 -0.74
C ILE B 241 -13.03 34.82 0.70
N ILE B 242 -14.31 34.82 1.09
CA ILE B 242 -14.65 35.15 2.48
C ILE B 242 -14.07 34.11 3.43
N ALA B 243 -14.18 32.81 3.07
CA ALA B 243 -13.61 31.75 3.89
C ALA B 243 -12.12 31.97 4.11
N LEU B 244 -11.39 32.26 3.03
CA LEU B 244 -9.94 32.37 3.11
C LEU B 244 -9.52 33.64 3.86
N THR B 245 -10.24 34.74 3.66
CA THR B 245 -9.78 36.02 4.18
C THR B 245 -10.39 36.43 5.51
N LYS B 246 -11.51 35.81 5.92
CA LYS B 246 -12.22 36.26 7.11
C LYS B 246 -12.48 35.18 8.15
N MET B 247 -12.32 33.89 7.82
CA MET B 247 -12.76 32.83 8.72
C MET B 247 -11.60 32.08 9.37
N VAL B 248 -10.36 32.51 9.16
CA VAL B 248 -9.21 31.79 9.70
C VAL B 248 -9.06 32.04 11.19
N ASP B 249 -9.12 33.30 11.62
CA ASP B 249 -8.81 33.63 13.01
C ASP B 249 -9.71 32.89 13.99
N ARG B 250 -11.01 32.75 13.67
CA ARG B 250 -11.94 32.16 14.61
C ARG B 250 -11.79 30.64 14.73
N LEU B 251 -10.91 30.02 13.94
CA LEU B 251 -10.64 28.61 14.17
C LEU B 251 -10.14 28.36 15.58
N LYS B 252 -9.52 29.38 16.20
CA LYS B 252 -9.14 29.29 17.61
C LYS B 252 -10.29 28.88 18.50
N GLU B 253 -11.50 29.37 18.19
CA GLU B 253 -12.67 29.01 18.99
C GLU B 253 -12.99 27.53 18.88
N ASP B 254 -12.84 26.98 17.67
CA ASP B 254 -13.03 25.54 17.51
C ASP B 254 -12.02 24.75 18.33
N HIS B 255 -10.77 25.21 18.35
CA HIS B 255 -9.75 24.53 19.14
C HIS B 255 -10.08 24.60 20.62
N GLU B 256 -10.49 25.77 21.10
CA GLU B 256 -10.84 25.90 22.51
C GLU B 256 -12.03 25.01 22.87
N ASN B 257 -13.04 24.95 21.98
CA ASN B 257 -14.19 24.10 22.24
C ASN B 257 -13.82 22.62 22.26
N ALA B 258 -12.93 22.20 21.35
CA ALA B 258 -12.48 20.81 21.35
C ALA B 258 -11.71 20.47 22.62
N ARG B 259 -10.85 21.39 23.06
CA ARG B 259 -10.08 21.15 24.28
C ARG B 259 -10.99 21.09 25.50
N PHE B 260 -11.97 22.00 25.57
CA PHE B 260 -12.96 21.95 26.64
C PHE B 260 -13.74 20.65 26.61
N LEU B 261 -14.20 20.24 25.44
CA LEU B 261 -14.91 18.97 25.29
C LEU B 261 -14.08 17.81 25.82
N ALA B 262 -12.81 17.75 25.44
CA ALA B 262 -11.95 16.64 25.87
C ALA B 262 -11.72 16.66 27.37
N LEU B 263 -11.44 17.83 27.94
CA LEU B 263 -11.20 17.91 29.38
C LEU B 263 -12.42 17.43 30.16
N LYS B 264 -13.62 17.80 29.73
CA LYS B 264 -14.82 17.41 30.46
C LYS B 264 -15.19 15.95 30.23
N LEU B 265 -14.94 15.42 29.03
CA LEU B 265 -15.15 13.98 28.82
C LEU B 265 -14.26 13.16 29.75
N LYS B 266 -13.02 13.60 29.95
CA LYS B 266 -12.15 12.89 30.88
C LYS B 266 -12.67 12.99 32.30
N GLU B 267 -13.17 14.16 32.69
CA GLU B 267 -13.72 14.32 34.04
C GLU B 267 -14.91 13.40 34.26
N ILE B 268 -15.74 13.19 33.22
CA ILE B 268 -16.87 12.28 33.32
C ILE B 268 -16.39 10.85 33.54
N GLY B 269 -15.25 10.48 32.94
CA GLY B 269 -14.73 9.14 33.08
C GLY B 269 -14.43 8.45 31.76
N TYR B 270 -14.67 9.14 30.65
CA TYR B 270 -14.41 8.55 29.34
C TYR B 270 -12.91 8.49 29.05
N SER B 271 -12.53 7.56 28.18
CA SER B 271 -11.13 7.37 27.81
C SER B 271 -10.76 8.37 26.73
N VAL B 272 -10.32 9.56 27.17
CA VAL B 272 -9.85 10.62 26.28
C VAL B 272 -8.57 11.20 26.87
N ASN B 273 -7.68 11.66 26.00
CA ASN B 273 -6.42 12.26 26.40
C ASN B 273 -6.44 13.73 26.03
N PRO B 274 -6.88 14.63 26.92
CA PRO B 274 -6.95 16.05 26.56
C PRO B 274 -5.62 16.63 26.10
N GLU B 275 -4.50 16.05 26.54
CA GLU B 275 -3.19 16.54 26.11
C GLU B 275 -2.94 16.30 24.63
N ASP B 276 -3.67 15.37 24.01
CA ASP B 276 -3.52 15.10 22.58
C ASP B 276 -4.28 16.07 21.71
N VAL B 277 -5.13 16.92 22.30
CA VAL B 277 -6.09 17.72 21.54
C VAL B 277 -5.47 19.09 21.27
N LYS B 278 -4.97 19.29 20.05
CA LYS B 278 -4.32 20.54 19.69
C LYS B 278 -5.08 21.37 18.67
N THR B 279 -6.01 20.75 17.91
CA THR B 279 -6.85 21.53 17.01
C THR B 279 -8.33 21.21 17.28
N ASN B 280 -9.12 20.85 16.26
CA ASN B 280 -10.56 20.78 16.41
C ASN B 280 -11.10 19.34 16.47
N MET B 281 -10.31 18.37 16.90
CA MET B 281 -10.75 16.98 16.93
C MET B 281 -10.40 16.33 18.26
N VAL B 282 -11.27 15.40 18.70
CA VAL B 282 -11.06 14.60 19.90
C VAL B 282 -11.29 13.14 19.56
N ILE B 283 -10.37 12.27 19.95
CA ILE B 283 -10.58 10.83 19.85
C ILE B 283 -11.03 10.29 21.20
N LEU B 284 -12.14 9.57 21.21
CA LEU B 284 -12.63 8.91 22.41
C LEU B 284 -12.54 7.41 22.19
N ARG B 285 -11.94 6.69 23.15
CA ARG B 285 -11.81 5.26 23.10
C ARG B 285 -12.89 4.59 23.96
N THR B 286 -13.35 3.42 23.51
CA THR B 286 -14.43 2.71 24.19
C THR B 286 -13.93 1.57 25.05
N ASP B 287 -12.64 1.56 25.39
CA ASP B 287 -12.06 0.41 26.09
C ASP B 287 -12.67 0.17 27.45
N ASN B 288 -13.10 1.22 28.15
CA ASN B 288 -13.72 1.08 29.46
C ASN B 288 -15.24 1.11 29.39
N LEU B 289 -15.82 0.78 28.24
CA LEU B 289 -17.26 0.81 28.06
C LEU B 289 -17.79 -0.57 27.71
N LYS B 290 -19.09 -0.76 27.94
CA LYS B 290 -19.75 -2.03 27.60
C LYS B 290 -19.99 -2.17 26.11
N VAL B 291 -20.02 -1.05 25.37
CA VAL B 291 -20.28 -1.06 23.94
C VAL B 291 -18.97 -0.78 23.21
N ASN B 292 -18.95 -1.14 21.92
CA ASN B 292 -17.83 -0.74 21.08
C ASN B 292 -18.16 0.63 20.47
N ALA B 293 -17.30 1.10 19.56
CA ALA B 293 -17.51 2.43 18.99
C ALA B 293 -18.83 2.52 18.25
N HIS B 294 -19.20 1.47 17.52
CA HIS B 294 -20.44 1.51 16.75
C HIS B 294 -21.66 1.49 17.66
N GLY B 295 -21.62 0.68 18.72
CA GLY B 295 -22.68 0.71 19.69
C GLY B 295 -22.81 2.06 20.37
N PHE B 296 -21.68 2.69 20.69
CA PHE B 296 -21.73 3.99 21.34
C PHE B 296 -22.25 5.07 20.39
N ILE B 297 -21.87 4.99 19.11
CA ILE B 297 -22.35 5.96 18.12
C ILE B 297 -23.87 5.91 18.03
N GLU B 298 -24.46 4.71 18.08
CA GLU B 298 -25.90 4.57 18.00
C GLU B 298 -26.57 5.11 19.27
N ALA B 299 -25.98 4.85 20.44
CA ALA B 299 -26.51 5.39 21.68
C ALA B 299 -26.46 6.92 21.67
N LEU B 300 -25.35 7.49 21.20
CA LEU B 300 -25.23 8.94 21.09
C LEU B 300 -26.27 9.51 20.13
N ARG B 301 -26.45 8.88 18.98
CA ARG B 301 -27.41 9.39 18.00
C ARG B 301 -28.83 9.38 18.58
N ASN B 302 -29.20 8.30 19.26
CA ASN B 302 -30.49 8.22 19.91
C ASN B 302 -30.67 9.29 20.99
N SER B 303 -29.56 9.79 21.54
CA SER B 303 -29.59 10.80 22.58
C SER B 303 -29.37 12.21 22.04
N GLY B 304 -29.24 12.37 20.73
CA GLY B 304 -29.14 13.68 20.12
C GLY B 304 -27.76 14.17 19.75
N VAL B 305 -26.74 13.32 19.78
CA VAL B 305 -25.37 13.70 19.45
C VAL B 305 -24.90 12.85 18.27
N LEU B 306 -24.38 13.51 17.23
CA LEU B 306 -23.86 12.84 16.05
C LEU B 306 -22.33 12.82 16.08
N ALA B 307 -21.75 11.62 16.01
CA ALA B 307 -20.31 11.45 15.85
C ALA B 307 -20.06 10.27 14.91
N GLU B 308 -18.78 9.97 14.67
CA GLU B 308 -18.41 8.86 13.79
C GLU B 308 -17.38 7.95 14.44
N ALA B 309 -17.55 6.66 14.24
CA ALA B 309 -16.53 5.69 14.61
C ALA B 309 -15.46 5.65 13.53
N VAL B 310 -14.20 5.78 13.92
CA VAL B 310 -13.08 5.62 12.99
C VAL B 310 -12.41 4.27 13.13
N SER B 311 -12.82 3.47 14.10
CA SER B 311 -12.43 2.08 14.24
C SER B 311 -13.46 1.40 15.13
N ASP B 312 -13.22 0.13 15.46
CA ASP B 312 -14.15 -0.57 16.35
C ASP B 312 -14.09 -0.04 17.77
N THR B 313 -13.03 0.67 18.15
CA THR B 313 -12.84 1.11 19.52
C THR B 313 -12.58 2.60 19.65
N GLU B 314 -12.75 3.38 18.58
CA GLU B 314 -12.43 4.80 18.63
C GLU B 314 -13.49 5.61 17.90
N ILE B 315 -13.94 6.68 18.55
CA ILE B 315 -14.86 7.64 17.95
CA ILE B 315 -14.82 7.62 17.87
C ILE B 315 -14.13 8.96 17.78
N ARG B 316 -14.46 9.69 16.72
CA ARG B 316 -13.88 10.99 16.42
C ARG B 316 -14.95 12.06 16.58
N LEU B 317 -14.64 13.10 17.34
CA LEU B 317 -15.53 14.23 17.56
C LEU B 317 -14.86 15.45 16.96
N VAL B 318 -15.59 16.22 16.15
CA VAL B 318 -15.03 17.34 15.42
C VAL B 318 -15.85 18.60 15.73
N THR B 319 -15.17 19.67 16.15
CA THR B 319 -15.81 20.95 16.40
C THR B 319 -15.64 21.87 15.20
N HIS B 320 -16.50 22.90 15.14
CA HIS B 320 -16.62 23.78 13.99
C HIS B 320 -17.56 24.92 14.36
N LYS B 321 -17.69 25.87 13.44
CA LYS B 321 -18.44 27.10 13.68
C LYS B 321 -19.88 26.85 14.11
N ASP B 322 -20.50 25.78 13.64
CA ASP B 322 -21.91 25.57 13.91
C ASP B 322 -22.16 24.74 15.17
N VAL B 323 -21.13 24.44 15.96
CA VAL B 323 -21.32 23.97 17.32
C VAL B 323 -20.70 24.99 18.26
N SER B 324 -21.55 25.71 18.97
CA SER B 324 -21.12 26.73 19.91
C SER B 324 -20.74 26.08 21.24
N ARG B 325 -20.15 26.88 22.14
CA ARG B 325 -19.88 26.39 23.48
C ARG B 325 -21.15 25.88 24.15
N ASN B 326 -22.27 26.56 23.90
CA ASN B 326 -23.58 26.08 24.37
C ASN B 326 -23.86 24.66 23.90
N ASP B 327 -23.64 24.40 22.61
CA ASP B 327 -23.88 23.06 22.06
C ASP B 327 -22.92 22.04 22.66
N ILE B 328 -21.67 22.44 22.88
CA ILE B 328 -20.71 21.54 23.53
C ILE B 328 -21.15 21.22 24.95
N GLU B 329 -21.60 22.23 25.70
CA GLU B 329 -22.09 22.00 27.05
C GLU B 329 -23.29 21.04 27.05
N GLU B 330 -24.22 21.23 26.11
CA GLU B 330 -25.36 20.34 26.00
C GLU B 330 -24.92 18.92 25.64
N ALA B 331 -23.96 18.79 24.72
CA ALA B 331 -23.45 17.47 24.37
C ALA B 331 -22.78 16.79 25.58
N LEU B 332 -22.05 17.56 26.38
CA LEU B 332 -21.40 17.01 27.57
C LEU B 332 -22.43 16.50 28.57
N ASN B 333 -23.54 17.22 28.74
CA ASN B 333 -24.62 16.72 29.58
C ASN B 333 -25.12 15.37 29.09
N ILE B 334 -25.27 15.23 27.77
CA ILE B 334 -25.70 13.96 27.19
C ILE B 334 -24.65 12.87 27.44
N PHE B 335 -23.37 13.22 27.21
CA PHE B 335 -22.29 12.27 27.48
C PHE B 335 -22.29 11.83 28.95
N GLU B 336 -22.56 12.77 29.86
CA GLU B 336 -22.56 12.41 31.28
C GLU B 336 -23.69 11.46 31.61
N LYS B 337 -24.90 11.74 31.15
CA LYS B 337 -26.03 10.85 31.41
C LYS B 337 -25.77 9.46 30.81
N LEU B 338 -25.23 9.41 29.60
CA LEU B 338 -24.96 8.13 28.96
C LEU B 338 -23.92 7.31 29.68
N PHE B 339 -23.02 7.96 30.43
CA PHE B 339 -21.86 7.25 30.96
C PHE B 339 -22.26 6.13 31.91
N SER B 340 -23.23 6.37 32.79
CA SER B 340 -23.61 5.36 33.77
C SER B 340 -24.20 4.12 33.11
N GLN B 341 -24.79 4.25 31.92
CA GLN B 341 -25.40 3.12 31.23
C GLN B 341 -24.50 2.48 30.20
N VAL B 342 -23.35 3.08 29.89
CA VAL B 342 -22.37 2.47 29.00
C VAL B 342 -21.09 2.06 29.72
N GLN B 343 -20.86 2.58 30.92
CA GLN B 343 -19.62 2.31 31.65
C GLN B 343 -19.47 0.82 31.94
N HIS B 344 -18.22 0.34 31.90
CA HIS B 344 -17.93 -1.06 32.14
C HIS B 344 -17.77 -1.32 33.65
#